data_8JIR
#
_entry.id   8JIR
#
_cell.length_a   1.00
_cell.length_b   1.00
_cell.length_c   1.00
_cell.angle_alpha   90.00
_cell.angle_beta   90.00
_cell.angle_gamma   90.00
#
_symmetry.space_group_name_H-M   'P 1'
#
loop_
_entity.id
_entity.type
_entity.pdbx_description
1 polymer 'Guanine nucleotide-binding protein G(s) subunit alpha isoforms short'
2 polymer SAR425899
3 polymer 'Guanine nucleotide-binding protein G(I)/G(S)/G(T) subunit beta-1'
4 polymer 'Guanine nucleotide-binding protein G(I)/G(S)/G(O) subunit gamma-2'
5 polymer 'Nanobody 35'
6 polymer 'Glucagon-like peptide 1 receptor'
7 non-polymer 'N-hexadecanoyl-L-glutamic acid'
#
loop_
_entity_poly.entity_id
_entity_poly.type
_entity_poly.pdbx_seq_one_letter_code
_entity_poly.pdbx_strand_id
1 'polypeptide(L)'
;MGCTLSAEDKAAVERSKMIEKQLQKDKQVYRATHRLLLLGADNSGKSTIVKQMRIYHVNGYSEEECKQYKAVVYSNTIQS
IIAIIRAMGRLKIDFGDSARADDARQLFVLAGAAEEGFMTAELAGVIKRLWKDSGVQACFNRSREYQLNDSAAYYLNDLD
RIAQPNYIPTQQDVLRTRVKTSGIFETKFQVDKVNFHMFDVGAQRDERRKWIQCFNDVTAIIFVVDSSDYNRLQEALNDF
KSIWNNRWLRTISVILFLNKQDLLAEKVLAGKSKIEDYFPEFARYTTPEDATPEPGEDPRVTRAKYFIRDEFLRISTASG
DGRHYCYPHFTCAVDTENIRRVFNDCRDIIQRMHLRQYELL
;
A
2 'polypeptide(L)' HSQGTFTSDLSKQKESKAAQDFIEWLKAG P
3 'polypeptide(L)'
;MGSLLQSELDQLRQEAEQLKNQIRDARKACADATLSQITNNIDPVGRIQMRTRRTLRGHLAKIYAMHWGTDSRLLVSASQ
DGKLIIWDSYTTNKVHAIPLRSSWVMTCAYAPSGNYVACGGLDNICSIYNLKTREGNVRVSRELAGHTGYLSCCRFLDDN
QIVTSSGDTTCALWDIETGQQTTTFTGHTGDVMSLSLAPDTRLFVSGACDASAKLWDVREGMCRQTFTGHESDINAICFF
PNGNAFATGSDDATCRLFDLRADQELMTYSHDNIICGITSVSFSKSGRLLLAGYDDFNCNVWDALKADRAGVLAGHDNRV
SCLGVTDDGMAVATGSWDSFLKIWN
;
B
4 'polypeptide(L)' ASNNTASIAQARKLVEQLKMEANIDRIKVSKAAADLMAYCEAHAKEDPLLTPVPASENPFREKKFFCAIL G
5 'polypeptide(L)'
;MAQVQLQESGGGLVQPGGSLRLSCAASGFTFSNYKMNWVRQAPGKGLEWVSDISQSGASISYTGSVKGRFTISRDNAKNT
LYLQMNSLKPEDTAVYYCARCPAPFTRDCFDVTSTTYAYRGQGTQVTVSSHHHHHHEPEA
;
N
6 'polypeptide(L)'
;RPQGATVSLWETVQKWREYRRQCQRSLTEDPPPATDLFCNRTFDEYACWPDGEPGSFVNVSCPWYLPWASSVPQGHVYRF
CTAEGLWLQKDNSSLPWRDLSECEESKRGERSSPEEQLLFLYIIYTVGYALSFSALVIASAILLGFRHLHCTRNYIHLNL
FASFILRALSVFIKDAALKWMYSTAAQQHQWDGLLSYQDSLSCRLVFLLMQYCVAANYYWLLVEGVYLYTLLAFSVLSEQ
WIFRLYVSIGWGVPLLFVVPWGIVKYLYEDEGCWTRNSNMNYWLIIRLPILFAIGVNFLIFVRVICIVVSKLKANLMCKT
DIKCRLAKSTLTLIPLLGTHEVIFAFVMDEHARGTLRFIKLFTELSFTSFQGLMVAILYCFVNNEVQLEFRKSWERWRLE
HLHIQRDSSMKPLKCPTSSLSSGATAGSSMYTATCQASCS
;
R
#
# COMPACT_ATOMS: atom_id res chain seq x y z
N LEU A 5 5.39 -29.28 -23.88
CA LEU A 5 6.26 -28.34 -24.59
C LEU A 5 5.83 -28.25 -26.05
N SER A 6 5.12 -27.18 -26.39
CA SER A 6 4.61 -27.02 -27.74
C SER A 6 5.64 -26.36 -28.65
N ALA A 7 5.28 -26.22 -29.92
CA ALA A 7 6.15 -25.61 -30.92
C ALA A 7 5.61 -24.28 -31.42
N GLU A 8 4.35 -24.23 -31.84
CA GLU A 8 3.77 -22.96 -32.28
C GLU A 8 3.63 -22.00 -31.11
N ASP A 9 3.31 -22.49 -29.92
CA ASP A 9 3.19 -21.64 -28.75
C ASP A 9 4.51 -21.01 -28.35
N LYS A 10 5.64 -21.49 -28.88
CA LYS A 10 6.91 -20.85 -28.58
C LYS A 10 6.93 -19.41 -29.08
N ALA A 11 6.36 -19.17 -30.26
CA ALA A 11 6.34 -17.81 -30.79
C ALA A 11 5.52 -16.90 -29.90
N ALA A 12 4.38 -17.38 -29.41
CA ALA A 12 3.55 -16.57 -28.53
C ALA A 12 4.29 -16.26 -27.22
N VAL A 13 4.92 -17.26 -26.63
CA VAL A 13 5.64 -17.04 -25.38
C VAL A 13 6.84 -16.13 -25.62
N GLU A 14 7.50 -16.26 -26.77
CA GLU A 14 8.54 -15.29 -27.11
C GLU A 14 7.96 -13.89 -27.23
N ARG A 15 6.78 -13.77 -27.83
CA ARG A 15 6.14 -12.47 -27.98
C ARG A 15 5.77 -11.88 -26.62
N SER A 16 5.25 -12.71 -25.72
CA SER A 16 4.88 -12.22 -24.41
C SER A 16 6.08 -11.81 -23.57
N LYS A 17 7.30 -12.14 -23.99
CA LYS A 17 8.49 -11.71 -23.28
C LYS A 17 9.08 -10.43 -23.84
N MET A 18 8.92 -10.18 -25.13
CA MET A 18 9.25 -8.86 -25.66
C MET A 18 8.38 -7.80 -25.02
N ILE A 19 7.10 -8.09 -24.85
CA ILE A 19 6.18 -7.15 -24.21
C ILE A 19 6.59 -6.95 -22.76
N GLU A 20 6.88 -8.03 -22.05
CA GLU A 20 7.30 -7.90 -20.66
C GLU A 20 8.58 -7.09 -20.56
N LYS A 21 9.50 -7.30 -21.50
CA LYS A 21 10.73 -6.52 -21.50
C LYS A 21 10.46 -5.05 -21.75
N GLN A 22 9.48 -4.74 -22.59
CA GLN A 22 9.13 -3.35 -22.85
C GLN A 22 8.36 -2.74 -21.68
N LEU A 23 7.43 -3.49 -21.10
CA LEU A 23 6.73 -3.02 -19.91
C LEU A 23 7.67 -2.81 -18.75
N GLN A 24 8.81 -3.49 -18.74
CA GLN A 24 9.70 -3.42 -17.60
C GLN A 24 10.44 -2.10 -17.52
N LYS A 25 10.80 -1.52 -18.67
CA LYS A 25 11.47 -0.23 -18.70
C LYS A 25 10.47 0.92 -18.79
N ASP A 26 9.18 0.62 -18.83
CA ASP A 26 8.17 1.64 -18.61
C ASP A 26 7.75 1.74 -17.16
N LYS A 27 7.92 0.64 -16.41
CA LYS A 27 7.68 0.70 -14.98
C LYS A 27 8.64 1.67 -14.30
N GLN A 28 9.90 1.67 -14.73
CA GLN A 28 10.89 2.50 -14.08
C GLN A 28 10.85 3.95 -14.55
N VAL A 29 10.05 4.26 -15.57
CA VAL A 29 9.78 5.65 -15.90
C VAL A 29 8.52 6.13 -15.21
N TYR A 30 7.49 5.29 -15.17
CA TYR A 30 6.26 5.65 -14.49
C TYR A 30 6.48 5.89 -13.00
N ARG A 31 7.45 5.22 -12.40
CA ARG A 31 7.73 5.42 -10.98
C ARG A 31 8.72 6.52 -10.72
N ALA A 32 9.37 7.05 -11.75
CA ALA A 32 10.37 8.10 -11.59
C ALA A 32 9.79 9.49 -11.82
N THR A 33 8.49 9.61 -12.03
CA THR A 33 7.84 10.88 -12.22
C THR A 33 6.75 11.06 -11.18
N HIS A 34 6.44 12.32 -10.88
CA HIS A 34 5.39 12.65 -9.95
C HIS A 34 4.26 13.33 -10.69
N ARG A 35 3.04 12.88 -10.43
CA ARG A 35 1.85 13.40 -11.08
C ARG A 35 1.13 14.32 -10.10
N LEU A 36 0.91 15.57 -10.52
CA LEU A 36 0.27 16.58 -9.70
C LEU A 36 -1.01 17.03 -10.38
N LEU A 37 -2.10 17.11 -9.63
CA LEU A 37 -3.34 17.63 -10.15
C LEU A 37 -3.44 19.10 -9.76
N LEU A 38 -3.54 19.97 -10.73
CA LEU A 38 -3.60 21.40 -10.49
C LEU A 38 -5.07 21.82 -10.47
N LEU A 39 -5.59 22.05 -9.27
CA LEU A 39 -6.99 22.45 -9.12
C LEU A 39 -7.02 23.87 -8.61
N GLY A 40 -8.11 24.25 -7.97
CA GLY A 40 -8.22 25.57 -7.41
C GLY A 40 -9.36 26.38 -7.96
N ALA A 41 -9.14 27.69 -8.12
CA ALA A 41 -10.18 28.56 -8.65
C ALA A 41 -10.15 28.60 -10.16
N ASP A 42 -11.16 29.22 -10.76
CA ASP A 42 -11.19 29.35 -12.22
C ASP A 42 -10.05 30.25 -12.64
N ASN A 43 -9.82 31.32 -11.90
CA ASN A 43 -8.71 32.21 -12.20
C ASN A 43 -7.46 31.79 -11.44
N SER A 44 -6.45 32.65 -11.41
CA SER A 44 -5.18 32.35 -10.71
C SER A 44 -4.50 31.03 -11.08
N GLY A 45 -4.97 30.38 -12.15
CA GLY A 45 -4.35 29.13 -12.58
C GLY A 45 -3.22 29.42 -13.52
N LYS A 46 -1.99 29.28 -13.03
CA LYS A 46 -0.79 29.77 -13.73
C LYS A 46 0.16 28.61 -13.95
N SER A 47 -0.08 27.87 -15.03
CA SER A 47 0.81 26.83 -15.50
C SER A 47 1.68 27.33 -16.64
N THR A 48 1.98 28.62 -16.63
CA THR A 48 2.81 29.25 -17.65
C THR A 48 4.17 29.68 -17.11
N ILE A 49 4.23 30.19 -15.89
CA ILE A 49 5.51 30.49 -15.28
C ILE A 49 6.30 29.20 -15.05
N VAL A 50 5.61 28.12 -14.65
CA VAL A 50 6.20 26.80 -14.63
C VAL A 50 6.53 26.31 -16.03
N LYS A 51 6.10 27.04 -17.06
CA LYS A 51 6.42 26.77 -18.46
C LYS A 51 5.82 25.45 -18.92
N LYS A 180 -7.49 18.84 -30.80
CA LYS A 180 -6.62 19.54 -29.87
C LYS A 180 -7.31 20.77 -29.34
N THR A 181 -8.63 20.72 -29.22
CA THR A 181 -9.36 21.84 -28.65
C THR A 181 -10.14 21.45 -27.42
N SER A 182 -9.63 20.47 -26.64
CA SER A 182 -10.37 20.00 -25.49
C SER A 182 -9.65 19.00 -24.65
N GLY A 183 -10.37 18.45 -23.66
CA GLY A 183 -9.80 17.39 -22.88
C GLY A 183 -9.11 17.66 -21.59
N ILE A 184 -7.81 17.42 -21.57
CA ILE A 184 -7.07 17.74 -20.36
C ILE A 184 -5.70 18.30 -20.74
N PHE A 185 -5.19 19.25 -19.97
CA PHE A 185 -3.93 19.89 -20.32
C PHE A 185 -2.82 19.32 -19.46
N GLU A 186 -1.68 19.06 -20.06
CA GLU A 186 -0.56 18.54 -19.29
C GLU A 186 0.67 19.37 -19.59
N THR A 187 1.37 19.78 -18.54
CA THR A 187 2.64 20.47 -18.67
C THR A 187 3.68 19.73 -17.84
N LYS A 188 4.82 19.46 -18.45
CA LYS A 188 5.89 18.72 -17.80
C LYS A 188 7.01 19.70 -17.47
N PHE A 189 7.46 19.68 -16.23
CA PHE A 189 8.59 20.48 -15.83
C PHE A 189 9.51 19.61 -14.98
N GLN A 190 10.77 20.01 -14.93
CA GLN A 190 11.82 19.23 -14.32
C GLN A 190 12.54 20.08 -13.29
N VAL A 191 12.60 19.61 -12.06
CA VAL A 191 13.29 20.29 -10.98
C VAL A 191 14.30 19.33 -10.37
N ASP A 192 15.56 19.74 -10.32
CA ASP A 192 16.62 18.94 -9.72
C ASP A 192 16.67 17.55 -10.32
N LYS A 193 16.49 17.48 -11.64
CA LYS A 193 16.47 16.22 -12.38
C LYS A 193 15.38 15.28 -11.89
N VAL A 194 14.31 15.81 -11.33
CA VAL A 194 13.11 15.07 -11.01
C VAL A 194 12.02 15.56 -11.94
N ASN A 195 11.27 14.62 -12.53
CA ASN A 195 10.27 14.96 -13.52
C ASN A 195 8.90 15.06 -12.87
N PHE A 196 8.19 16.13 -13.17
CA PHE A 196 6.83 16.34 -12.70
C PHE A 196 5.89 16.48 -13.88
N HIS A 197 4.76 15.80 -13.80
CA HIS A 197 3.67 15.95 -14.76
C HIS A 197 2.50 16.58 -14.03
N MET A 198 2.12 17.78 -14.43
CA MET A 198 1.03 18.49 -13.78
C MET A 198 -0.13 18.62 -14.74
N PHE A 199 -1.30 18.16 -14.32
CA PHE A 199 -2.48 18.07 -15.18
C PHE A 199 -3.48 19.15 -14.80
N ASP A 200 -3.67 20.11 -15.69
CA ASP A 200 -4.63 21.18 -15.49
C ASP A 200 -5.91 20.77 -16.20
N VAL A 201 -6.91 20.36 -15.43
CA VAL A 201 -8.17 19.95 -16.02
C VAL A 201 -8.84 21.13 -16.69
N GLY A 202 -9.22 20.96 -17.95
CA GLY A 202 -9.91 21.99 -18.67
C GLY A 202 -10.94 21.37 -19.59
N ALA A 203 -11.82 22.18 -20.13
CA ALA A 203 -12.87 21.71 -21.03
C ALA A 203 -13.69 20.62 -20.46
N GLN A 204 -13.99 20.70 -19.17
CA GLN A 204 -14.88 19.74 -18.59
C GLN A 204 -16.08 20.47 -18.06
N ARG A 205 -17.17 19.77 -17.83
CA ARG A 205 -18.39 20.37 -17.35
C ARG A 205 -18.23 20.71 -15.87
N ASP A 206 -19.23 21.41 -15.33
CA ASP A 206 -19.10 21.99 -14.00
C ASP A 206 -18.93 20.92 -12.93
N GLU A 207 -19.82 19.93 -12.90
CA GLU A 207 -19.78 18.91 -11.87
C GLU A 207 -18.51 18.09 -11.97
N ARG A 208 -17.86 17.85 -10.83
CA ARG A 208 -16.59 17.15 -10.86
C ARG A 208 -16.46 16.12 -9.75
N ARG A 209 -17.57 15.65 -9.19
CA ARG A 209 -17.51 14.62 -8.18
C ARG A 209 -17.19 13.27 -8.75
N LYS A 210 -17.13 13.14 -10.06
CA LYS A 210 -17.00 11.83 -10.68
C LYS A 210 -15.68 11.64 -11.41
N TRP A 211 -15.16 12.65 -12.09
CA TRP A 211 -13.85 12.52 -12.68
C TRP A 211 -12.74 12.87 -11.71
N ILE A 212 -13.08 13.37 -10.53
CA ILE A 212 -12.05 13.64 -9.54
C ILE A 212 -11.44 12.34 -9.02
N GLN A 213 -12.17 11.23 -9.12
CA GLN A 213 -11.65 9.98 -8.58
C GLN A 213 -10.48 9.45 -9.39
N CYS A 214 -10.29 9.94 -10.61
CA CYS A 214 -9.16 9.48 -11.41
C CYS A 214 -7.84 9.84 -10.74
N PHE A 215 -7.82 10.91 -9.97
CA PHE A 215 -6.59 11.38 -9.33
C PHE A 215 -6.50 10.92 -7.89
N ASN A 216 -6.59 9.63 -7.62
CA ASN A 216 -6.37 9.18 -6.26
C ASN A 216 -4.93 8.77 -6.01
N ASP A 217 -4.13 8.61 -7.05
CA ASP A 217 -2.76 8.16 -6.93
C ASP A 217 -1.76 9.25 -7.22
N VAL A 218 -2.21 10.48 -7.43
CA VAL A 218 -1.26 11.56 -7.63
C VAL A 218 -0.50 11.79 -6.35
N THR A 219 0.71 12.34 -6.48
CA THR A 219 1.50 12.57 -5.28
C THR A 219 0.98 13.74 -4.47
N ALA A 220 0.42 14.75 -5.12
CA ALA A 220 -0.13 15.90 -4.41
C ALA A 220 -1.14 16.59 -5.30
N ILE A 221 -2.06 17.29 -4.65
CA ILE A 221 -3.05 18.12 -5.35
C ILE A 221 -2.67 19.56 -5.08
N ILE A 222 -2.45 20.32 -6.13
CA ILE A 222 -2.17 21.74 -5.97
C ILE A 222 -3.49 22.49 -5.99
N PHE A 223 -3.78 23.22 -4.93
CA PHE A 223 -4.98 24.02 -4.83
C PHE A 223 -4.56 25.48 -4.81
N VAL A 224 -5.10 26.26 -5.74
CA VAL A 224 -4.73 27.66 -5.88
C VAL A 224 -5.96 28.50 -5.54
N VAL A 225 -5.81 29.39 -4.57
CA VAL A 225 -6.91 30.19 -4.07
C VAL A 225 -6.66 31.64 -4.45
N ASP A 226 -7.69 32.31 -4.92
CA ASP A 226 -7.61 33.74 -5.19
C ASP A 226 -8.02 34.45 -3.92
N SER A 227 -7.04 34.83 -3.11
CA SER A 227 -7.32 35.73 -2.01
C SER A 227 -7.65 37.10 -2.59
N SER A 228 -7.86 38.09 -1.75
CA SER A 228 -8.14 39.45 -2.21
C SER A 228 -9.37 39.52 -3.09
N ASP A 229 -10.40 38.74 -2.75
CA ASP A 229 -11.71 38.97 -3.35
C ASP A 229 -12.77 39.06 -2.26
N TYR A 230 -12.60 38.27 -1.21
CA TYR A 230 -13.43 38.30 -0.01
C TYR A 230 -14.84 37.86 -0.32
N ASN A 231 -15.17 37.68 -1.60
CA ASN A 231 -16.54 37.37 -1.98
C ASN A 231 -16.70 35.91 -2.28
N ARG A 232 -15.79 35.37 -3.07
CA ARG A 232 -15.85 33.96 -3.38
C ARG A 232 -14.81 33.20 -2.58
N LEU A 233 -14.25 33.82 -1.56
CA LEU A 233 -13.32 33.13 -0.68
C LEU A 233 -14.01 32.04 0.12
N GLN A 234 -15.20 32.32 0.62
CA GLN A 234 -15.96 31.26 1.30
C GLN A 234 -16.31 30.14 0.33
N GLU A 235 -16.64 30.50 -0.91
CA GLU A 235 -16.90 29.48 -1.92
C GLU A 235 -15.63 28.75 -2.33
N ALA A 236 -14.46 29.29 -1.99
CA ALA A 236 -13.22 28.54 -2.14
C ALA A 236 -12.89 27.74 -0.89
N LEU A 237 -13.33 28.20 0.28
CA LEU A 237 -13.15 27.41 1.48
C LEU A 237 -13.93 26.12 1.40
N ASN A 238 -15.21 26.21 1.00
CA ASN A 238 -16.04 25.02 0.91
C ASN A 238 -15.50 24.06 -0.14
N ASP A 239 -14.91 24.60 -1.20
CA ASP A 239 -14.37 23.76 -2.26
C ASP A 239 -13.19 22.95 -1.76
N PHE A 240 -12.34 23.57 -0.96
CA PHE A 240 -11.19 22.88 -0.39
C PHE A 240 -11.63 21.86 0.65
N LYS A 241 -12.70 22.16 1.39
CA LYS A 241 -13.19 21.23 2.39
C LYS A 241 -13.68 19.94 1.75
N SER A 242 -14.37 20.04 0.61
CA SER A 242 -14.84 18.85 -0.08
C SER A 242 -13.67 18.02 -0.58
N ILE A 243 -12.60 18.67 -1.02
CA ILE A 243 -11.41 17.94 -1.44
C ILE A 243 -10.84 17.16 -0.27
N TRP A 244 -10.77 17.81 0.89
CA TRP A 244 -10.12 17.21 2.06
C TRP A 244 -10.81 15.94 2.48
N ASN A 245 -12.15 15.95 2.50
CA ASN A 245 -12.93 14.86 3.09
C ASN A 245 -13.40 13.81 2.10
N ASN A 246 -13.02 13.92 0.83
CA ASN A 246 -13.47 12.93 -0.15
C ASN A 246 -12.89 11.57 0.17
N ARG A 247 -13.68 10.53 -0.09
CA ARG A 247 -13.28 9.19 0.30
C ARG A 247 -12.08 8.70 -0.48
N TRP A 248 -11.93 9.17 -1.72
CA TRP A 248 -10.82 8.74 -2.58
C TRP A 248 -9.64 9.69 -2.54
N LEU A 249 -9.71 10.74 -1.73
CA LEU A 249 -8.64 11.72 -1.65
C LEU A 249 -8.14 11.89 -0.22
N ARG A 250 -8.55 11.02 0.70
CA ARG A 250 -8.17 11.18 2.09
C ARG A 250 -6.68 11.01 2.32
N THR A 251 -5.97 10.36 1.41
CA THR A 251 -4.55 10.13 1.56
C THR A 251 -3.69 11.04 0.69
N ILE A 252 -4.29 11.89 -0.12
CA ILE A 252 -3.54 12.78 -1.00
C ILE A 252 -3.40 14.12 -0.33
N SER A 253 -2.16 14.56 -0.15
CA SER A 253 -1.89 15.84 0.48
C SER A 253 -2.07 16.95 -0.53
N VAL A 254 -2.56 18.08 -0.08
CA VAL A 254 -2.76 19.23 -0.95
C VAL A 254 -1.67 20.25 -0.68
N ILE A 255 -1.21 20.90 -1.73
CA ILE A 255 -0.33 22.05 -1.61
C ILE A 255 -1.17 23.28 -1.87
N LEU A 256 -1.17 24.20 -0.92
CA LEU A 256 -2.09 25.33 -0.94
C LEU A 256 -1.33 26.58 -1.35
N PHE A 257 -1.79 27.20 -2.43
CA PHE A 257 -1.19 28.43 -2.94
C PHE A 257 -2.21 29.54 -2.72
N LEU A 258 -1.99 30.35 -1.69
CA LEU A 258 -2.83 31.51 -1.46
C LEU A 258 -2.38 32.58 -2.44
N ASN A 259 -2.90 32.51 -3.65
CA ASN A 259 -2.38 33.27 -4.76
C ASN A 259 -2.77 34.74 -4.66
N LYS A 260 -2.19 35.54 -5.55
CA LYS A 260 -2.53 36.95 -5.71
C LYS A 260 -2.33 37.72 -4.41
N GLN A 261 -1.14 37.57 -3.84
CA GLN A 261 -0.80 38.32 -2.64
C GLN A 261 -0.67 39.81 -2.92
N ASP A 262 -0.27 40.17 -4.14
CA ASP A 262 -0.12 41.58 -4.47
C ASP A 262 -1.45 42.30 -4.41
N LEU A 263 -2.50 41.68 -4.93
CA LEU A 263 -3.82 42.31 -4.89
C LEU A 263 -4.32 42.42 -3.46
N LEU A 264 -3.98 41.46 -2.61
CA LEU A 264 -4.36 41.53 -1.22
C LEU A 264 -3.71 42.71 -0.53
N ALA A 265 -2.43 42.96 -0.82
CA ALA A 265 -1.74 44.08 -0.22
C ALA A 265 -2.42 45.39 -0.58
N GLU A 266 -2.77 45.57 -1.84
CA GLU A 266 -3.41 46.81 -2.25
C GLU A 266 -4.80 46.93 -1.67
N LYS A 267 -5.50 45.81 -1.51
CA LYS A 267 -6.90 45.86 -1.10
C LYS A 267 -7.04 46.34 0.35
N VAL A 268 -6.27 45.75 1.27
CA VAL A 268 -6.38 46.15 2.67
C VAL A 268 -5.82 47.55 2.88
N LEU A 269 -4.69 47.87 2.24
CA LEU A 269 -4.08 49.17 2.43
C LEU A 269 -5.00 50.28 1.94
N ALA A 270 -5.71 50.05 0.83
CA ALA A 270 -6.66 51.04 0.36
C ALA A 270 -7.76 51.27 1.38
N GLY A 271 -8.26 50.21 2.00
CA GLY A 271 -9.26 50.32 3.03
C GLY A 271 -10.67 50.51 2.54
N LYS A 272 -10.88 50.58 1.22
CA LYS A 272 -12.24 50.73 0.70
C LYS A 272 -13.08 49.50 1.01
N SER A 273 -12.56 48.32 0.72
CA SER A 273 -13.22 47.07 1.06
C SER A 273 -12.58 46.50 2.31
N LYS A 274 -13.41 46.20 3.30
CA LYS A 274 -12.94 45.75 4.60
C LYS A 274 -13.42 44.34 4.86
N ILE A 275 -12.51 43.47 5.30
CA ILE A 275 -12.83 42.07 5.52
C ILE A 275 -13.35 41.93 6.93
N GLU A 276 -14.61 42.29 7.13
CA GLU A 276 -15.28 42.00 8.39
C GLU A 276 -16.68 41.47 8.15
N ASP A 277 -17.28 41.90 7.04
CA ASP A 277 -18.65 41.56 6.71
C ASP A 277 -18.76 40.24 5.96
N TYR A 278 -17.64 39.59 5.67
CA TYR A 278 -17.67 38.25 5.13
C TYR A 278 -17.24 37.20 6.13
N PHE A 279 -16.39 37.58 7.08
CA PHE A 279 -15.96 36.70 8.17
C PHE A 279 -15.98 37.53 9.45
N PRO A 280 -16.99 37.38 10.29
CA PRO A 280 -17.03 38.18 11.52
C PRO A 280 -15.88 37.90 12.47
N GLU A 281 -15.24 36.74 12.33
CA GLU A 281 -14.19 36.33 13.26
C GLU A 281 -12.95 37.19 13.14
N PHE A 282 -12.85 37.97 12.06
CA PHE A 282 -11.71 38.85 11.91
C PHE A 282 -11.71 40.02 12.87
N ALA A 283 -12.80 40.24 13.60
CA ALA A 283 -12.83 41.29 14.63
C ALA A 283 -12.14 40.88 15.90
N ARG A 284 -11.79 39.61 16.06
CA ARG A 284 -11.10 39.12 17.24
C ARG A 284 -9.81 38.40 16.94
N TYR A 285 -9.58 37.97 15.71
CA TYR A 285 -8.35 37.28 15.37
C TYR A 285 -7.16 38.19 15.61
N THR A 286 -6.14 37.65 16.26
CA THR A 286 -4.87 38.34 16.45
C THR A 286 -3.78 37.57 15.72
N THR A 287 -2.84 38.31 15.15
CA THR A 287 -1.81 37.66 14.35
C THR A 287 -1.03 36.68 15.20
N PRO A 288 -0.70 35.51 14.67
CA PRO A 288 0.02 34.52 15.46
C PRO A 288 1.53 34.77 15.45
N GLU A 289 2.29 33.87 16.06
CA GLU A 289 3.75 33.97 16.06
C GLU A 289 4.27 33.37 14.77
N ASP A 290 4.70 34.22 13.86
CA ASP A 290 4.98 33.81 12.49
C ASP A 290 6.12 34.66 11.95
N ALA A 291 6.28 34.67 10.63
CA ALA A 291 7.38 35.37 9.97
C ALA A 291 6.81 36.29 8.90
N THR A 292 6.76 37.58 9.21
CA THR A 292 6.43 38.56 8.18
C THR A 292 7.51 38.54 7.12
N PRO A 293 7.16 38.67 5.83
CA PRO A 293 8.18 38.47 4.79
C PRO A 293 9.29 39.50 4.81
N GLU A 294 8.94 40.79 4.80
CA GLU A 294 9.95 41.83 4.70
C GLU A 294 9.67 42.91 5.75
N PRO A 295 10.71 43.59 6.20
CA PRO A 295 10.49 44.74 7.08
C PRO A 295 9.82 45.87 6.31
N GLY A 296 8.54 46.11 6.58
CA GLY A 296 7.78 47.08 5.82
C GLY A 296 6.36 46.63 5.63
N GLU A 297 6.10 45.36 5.93
CA GLU A 297 4.74 44.85 5.93
C GLU A 297 3.90 45.61 6.93
N ASP A 298 2.79 46.16 6.47
CA ASP A 298 1.85 46.75 7.39
C ASP A 298 1.31 45.65 8.31
N PRO A 299 1.14 45.92 9.61
CA PRO A 299 0.56 44.89 10.47
C PRO A 299 -0.82 44.45 10.01
N ARG A 300 -1.60 45.33 9.40
CA ARG A 300 -2.92 44.93 8.91
C ARG A 300 -2.79 43.89 7.80
N VAL A 301 -1.97 44.18 6.80
CA VAL A 301 -1.90 43.27 5.67
C VAL A 301 -1.30 41.94 6.08
N THR A 302 -0.35 41.94 7.00
CA THR A 302 0.19 40.68 7.49
C THR A 302 -0.77 39.98 8.43
N ARG A 303 -1.85 40.65 8.83
CA ARG A 303 -2.86 40.06 9.69
C ARG A 303 -3.96 39.38 8.88
N ALA A 304 -4.51 40.10 7.91
CA ALA A 304 -5.47 39.49 7.00
C ALA A 304 -4.82 38.36 6.23
N LYS A 305 -3.57 38.55 5.79
CA LYS A 305 -2.88 37.53 5.04
C LYS A 305 -2.84 36.22 5.80
N TYR A 306 -2.52 36.28 7.08
CA TYR A 306 -2.46 35.06 7.88
C TYR A 306 -3.83 34.60 8.33
N PHE A 307 -4.81 35.49 8.36
CA PHE A 307 -6.15 35.08 8.77
C PHE A 307 -6.75 34.10 7.77
N ILE A 308 -6.66 34.43 6.48
CA ILE A 308 -7.16 33.52 5.45
C ILE A 308 -6.40 32.21 5.49
N ARG A 309 -5.08 32.27 5.73
CA ARG A 309 -4.31 31.04 5.81
C ARG A 309 -4.87 30.14 6.89
N ASP A 310 -5.26 30.71 8.03
CA ASP A 310 -5.74 29.92 9.14
C ASP A 310 -7.12 29.31 8.86
N GLU A 311 -7.93 29.96 8.03
CA GLU A 311 -9.23 29.42 7.70
C GLU A 311 -9.11 28.08 7.00
N PHE A 312 -8.19 27.99 6.05
CA PHE A 312 -7.95 26.70 5.40
C PHE A 312 -7.33 25.71 6.36
N LEU A 313 -6.54 26.19 7.31
CA LEU A 313 -5.89 25.29 8.25
C LEU A 313 -6.86 24.73 9.28
N ARG A 314 -7.93 25.46 9.61
CA ARG A 314 -8.97 24.87 10.44
C ARG A 314 -9.64 23.69 9.75
N ILE A 315 -9.91 23.83 8.46
CA ILE A 315 -10.51 22.74 7.70
C ILE A 315 -9.57 21.55 7.63
N SER A 316 -8.28 21.82 7.42
CA SER A 316 -7.32 20.74 7.19
C SER A 316 -7.12 19.92 8.45
N THR A 317 -7.09 20.57 9.62
CA THR A 317 -6.81 19.86 10.85
C THR A 317 -8.04 19.18 11.44
N ALA A 318 -9.23 19.47 10.92
CA ALA A 318 -10.43 18.83 11.44
C ALA A 318 -10.39 17.32 11.25
N SER A 319 -9.97 16.87 10.06
CA SER A 319 -9.75 15.45 9.83
C SER A 319 -8.40 15.06 10.43
N GLY A 320 -8.41 14.92 11.75
CA GLY A 320 -7.21 14.85 12.57
C GLY A 320 -6.23 13.74 12.26
N ASP A 321 -6.69 12.67 11.63
CA ASP A 321 -5.81 11.54 11.35
C ASP A 321 -4.71 12.03 10.42
N GLY A 322 -3.46 11.87 10.85
CA GLY A 322 -2.34 12.38 10.09
C GLY A 322 -1.92 11.48 8.96
N ARG A 323 -2.85 11.17 8.05
CA ARG A 323 -2.52 10.42 6.86
C ARG A 323 -2.29 11.30 5.64
N HIS A 324 -2.62 12.58 5.72
CA HIS A 324 -2.28 13.55 4.68
C HIS A 324 -2.23 14.92 5.32
N TYR A 325 -1.61 15.86 4.62
CA TYR A 325 -1.36 17.17 5.19
C TYR A 325 -1.66 18.25 4.16
N CYS A 326 -1.64 19.50 4.61
CA CYS A 326 -1.82 20.66 3.76
C CYS A 326 -0.63 21.59 3.96
N TYR A 327 0.02 21.97 2.87
CA TYR A 327 1.16 22.87 2.94
C TYR A 327 0.74 24.23 2.42
N PRO A 328 0.67 25.25 3.27
CA PRO A 328 0.29 26.59 2.81
C PRO A 328 1.47 27.39 2.30
N HIS A 329 1.18 28.24 1.31
CA HIS A 329 2.19 29.11 0.72
C HIS A 329 1.51 30.38 0.24
N PHE A 330 2.16 31.51 0.42
CA PHE A 330 1.67 32.78 -0.11
C PHE A 330 2.38 33.04 -1.42
N THR A 331 1.74 32.67 -2.52
CA THR A 331 2.33 32.90 -3.82
C THR A 331 1.92 34.26 -4.36
N CYS A 332 2.59 34.71 -5.42
CA CYS A 332 2.22 35.92 -6.10
C CYS A 332 1.81 35.58 -7.52
N ALA A 333 1.45 36.61 -8.29
CA ALA A 333 1.05 36.38 -9.67
C ALA A 333 2.19 35.74 -10.46
N VAL A 334 3.37 36.35 -10.38
CA VAL A 334 4.57 35.82 -11.02
C VAL A 334 5.64 35.65 -9.95
N ASP A 335 6.15 34.43 -9.83
CA ASP A 335 7.22 34.12 -8.87
C ASP A 335 8.11 33.07 -9.50
N THR A 336 9.39 33.39 -9.69
CA THR A 336 10.33 32.40 -10.19
C THR A 336 10.48 31.25 -9.21
N GLU A 337 10.59 31.56 -7.92
CA GLU A 337 10.80 30.54 -6.91
C GLU A 337 9.49 29.83 -6.60
N ASN A 338 8.81 29.34 -7.62
CA ASN A 338 7.51 28.70 -7.46
C ASN A 338 7.49 27.26 -7.92
N ILE A 339 8.35 26.87 -8.86
CA ILE A 339 8.47 25.47 -9.22
C ILE A 339 9.15 24.70 -8.10
N ARG A 340 10.16 25.29 -7.48
CA ARG A 340 10.86 24.63 -6.40
C ARG A 340 9.96 24.45 -5.18
N ARG A 341 9.11 25.42 -4.93
CA ARG A 341 8.19 25.32 -3.80
C ARG A 341 7.32 24.09 -3.90
N VAL A 342 6.92 23.71 -5.11
CA VAL A 342 6.22 22.45 -5.32
C VAL A 342 7.15 21.28 -5.09
N PHE A 343 8.42 21.43 -5.48
CA PHE A 343 9.38 20.34 -5.36
C PHE A 343 9.61 19.96 -3.91
N ASN A 344 9.80 20.96 -3.04
CA ASN A 344 10.10 20.69 -1.65
C ASN A 344 8.95 20.01 -0.93
N ASP A 345 7.72 20.36 -1.27
CA ASP A 345 6.59 19.76 -0.59
C ASP A 345 6.31 18.34 -1.06
N CYS A 346 6.58 18.03 -2.32
CA CYS A 346 6.53 16.63 -2.75
C CYS A 346 7.64 15.83 -2.12
N ARG A 347 8.83 16.44 -1.98
CA ARG A 347 9.92 15.77 -1.28
C ARG A 347 9.55 15.46 0.16
N ASP A 348 8.89 16.40 0.84
CA ASP A 348 8.40 16.13 2.18
C ASP A 348 7.33 15.04 2.16
N ILE A 349 6.45 15.06 1.16
CA ILE A 349 5.36 14.09 1.13
C ILE A 349 5.91 12.68 0.98
N ILE A 350 6.90 12.49 0.10
CA ILE A 350 7.44 11.16 -0.14
C ILE A 350 8.16 10.65 1.09
N GLN A 351 9.01 11.50 1.70
CA GLN A 351 9.72 11.09 2.90
C GLN A 351 8.75 10.71 4.00
N ARG A 352 7.73 11.52 4.21
CA ARG A 352 6.73 11.21 5.21
C ARG A 352 5.99 9.91 4.89
N MET A 353 5.87 9.56 3.62
CA MET A 353 5.23 8.31 3.24
C MET A 353 6.12 7.11 3.50
N HIS A 354 7.41 7.24 3.24
CA HIS A 354 8.33 6.14 3.51
C HIS A 354 8.47 5.89 5.00
N LEU A 355 8.55 6.95 5.80
CA LEU A 355 8.68 6.77 7.24
C LEU A 355 7.47 6.08 7.83
N ARG A 356 6.30 6.21 7.20
CA ARG A 356 5.13 5.54 7.73
C ARG A 356 5.22 4.03 7.52
N GLN A 357 5.83 3.58 6.44
CA GLN A 357 5.90 2.16 6.17
C GLN A 357 6.85 1.47 7.12
N TYR A 358 7.70 2.24 7.77
CA TYR A 358 8.67 1.68 8.71
C TYR A 358 8.17 1.98 10.11
N GLU A 359 6.95 2.49 10.23
CA GLU A 359 6.37 2.86 11.53
C GLU A 359 7.27 3.79 12.30
N LEU A 360 8.14 4.53 11.63
CA LEU A 360 8.99 5.49 12.28
C LEU A 360 8.26 6.78 12.60
N LEU A 361 7.04 6.94 12.10
CA LEU A 361 6.33 8.20 12.22
C LEU A 361 4.87 8.01 11.86
N HIS B 1 33.95 -10.11 17.23
CA HIS B 1 32.55 -9.85 16.98
C HIS B 1 31.69 -10.59 17.97
N SER B 2 32.15 -10.70 19.20
CA SER B 2 31.38 -11.39 20.23
C SER B 2 31.54 -12.89 20.10
N GLN B 3 30.80 -13.50 19.18
CA GLN B 3 30.86 -14.96 19.05
C GLN B 3 32.23 -15.40 18.66
N GLY B 4 33.00 -14.52 18.05
CA GLY B 4 34.35 -14.87 17.67
C GLY B 4 35.26 -14.90 18.86
N THR B 5 35.08 -13.95 19.77
CA THR B 5 35.93 -13.88 20.94
C THR B 5 35.46 -14.87 21.96
N PHE B 6 34.17 -14.90 22.19
CA PHE B 6 33.64 -15.83 23.15
C PHE B 6 34.16 -17.18 22.82
N THR B 7 34.20 -17.51 21.54
CA THR B 7 34.56 -18.89 21.24
C THR B 7 36.06 -19.08 21.47
N SER B 8 36.84 -18.06 21.14
CA SER B 8 38.28 -18.11 21.31
C SER B 8 38.62 -18.29 22.80
N ASP B 9 37.91 -17.56 23.66
CA ASP B 9 38.16 -17.67 25.08
C ASP B 9 37.71 -19.02 25.56
N LEU B 10 36.58 -19.47 25.03
CA LEU B 10 36.05 -20.75 25.45
C LEU B 10 37.00 -21.88 25.05
N SER B 11 37.50 -21.82 23.82
CA SER B 11 38.43 -22.82 23.33
C SER B 11 39.69 -22.87 24.17
N LYS B 12 40.21 -21.70 24.55
CA LYS B 12 41.41 -21.69 25.39
C LYS B 12 41.14 -22.34 26.73
N GLN B 13 39.95 -22.12 27.29
CA GLN B 13 39.59 -22.78 28.54
C GLN B 13 39.51 -24.29 28.37
N LYS B 14 38.91 -24.75 27.29
CA LYS B 14 38.81 -26.18 27.07
C LYS B 14 40.16 -26.77 26.73
N GLU B 15 41.00 -26.01 26.04
CA GLU B 15 42.34 -26.49 25.74
C GLU B 15 43.18 -26.60 27.00
N SER B 16 43.15 -25.58 27.85
CA SER B 16 43.94 -25.62 29.08
C SER B 16 43.48 -26.73 30.00
N LYS B 17 42.17 -26.94 30.10
CA LYS B 17 41.64 -27.99 30.95
C LYS B 17 42.08 -29.36 30.46
N ALA B 18 42.11 -29.55 29.15
CA ALA B 18 42.53 -30.83 28.60
C ALA B 18 43.97 -31.14 28.95
N ALA B 19 44.84 -30.13 28.91
CA ALA B 19 46.22 -30.34 29.32
C ALA B 19 46.29 -30.73 30.79
N GLN B 20 45.43 -30.15 31.62
CA GLN B 20 45.38 -30.53 33.03
C GLN B 20 45.02 -32.01 33.17
N ASP B 21 44.02 -32.44 32.42
CA ASP B 21 43.58 -33.83 32.46
C ASP B 21 44.69 -34.76 32.00
N PHE B 22 45.73 -34.20 31.42
CA PHE B 22 46.82 -35.02 30.96
C PHE B 22 47.92 -35.01 31.98
N ILE B 23 47.90 -34.03 32.86
CA ILE B 23 48.91 -33.91 33.91
C ILE B 23 48.43 -34.58 35.20
N GLU B 24 47.13 -34.84 35.26
CA GLU B 24 46.54 -35.49 36.43
C GLU B 24 46.31 -36.97 36.20
N TRP B 25 46.46 -37.39 34.93
CA TRP B 25 46.25 -38.81 34.58
C TRP B 25 47.59 -39.46 34.33
N LEU B 26 48.54 -38.70 33.81
CA LEU B 26 49.87 -39.23 33.63
C LEU B 26 50.40 -39.53 35.01
N LYS B 27 50.04 -38.69 35.97
CA LYS B 27 50.45 -38.91 37.33
C LYS B 27 49.87 -40.21 37.84
N ALA B 28 48.65 -40.51 37.46
CA ALA B 28 48.00 -41.74 37.90
C ALA B 28 48.20 -42.88 36.93
N GLY B 29 49.26 -42.85 36.14
CA GLY B 29 49.54 -43.91 35.19
C GLY B 29 48.44 -44.09 34.16
N GLN C 6 -43.39 34.92 -17.38
CA GLN C 6 -43.17 34.16 -16.16
C GLN C 6 -44.33 33.21 -15.89
N SER C 7 -45.55 33.64 -16.25
CA SER C 7 -46.71 32.78 -16.05
C SER C 7 -46.66 31.57 -16.96
N GLU C 8 -46.09 31.72 -18.16
CA GLU C 8 -45.96 30.58 -19.06
C GLU C 8 -45.02 29.53 -18.48
N LEU C 9 -43.97 29.96 -17.77
CA LEU C 9 -43.09 29.00 -17.10
C LEU C 9 -43.84 28.22 -16.03
N ASP C 10 -44.69 28.90 -15.25
CA ASP C 10 -45.50 28.20 -14.25
C ASP C 10 -46.47 27.24 -14.93
N GLN C 11 -47.06 27.65 -16.04
CA GLN C 11 -47.98 26.77 -16.77
C GLN C 11 -47.27 25.52 -17.27
N LEU C 12 -46.07 25.69 -17.82
CA LEU C 12 -45.31 24.54 -18.29
C LEU C 12 -44.90 23.63 -17.14
N ARG C 13 -44.52 24.22 -16.01
CA ARG C 13 -44.18 23.40 -14.84
C ARG C 13 -45.38 22.61 -14.36
N GLN C 14 -46.56 23.23 -14.33
CA GLN C 14 -47.78 22.53 -13.93
C GLN C 14 -48.09 21.40 -14.92
N GLU C 15 -47.93 21.67 -16.22
CA GLU C 15 -48.16 20.65 -17.23
C GLU C 15 -47.23 19.47 -17.04
N ALA C 16 -45.95 19.75 -16.80
CA ALA C 16 -44.99 18.67 -16.59
C ALA C 16 -45.33 17.88 -15.34
N GLU C 17 -45.72 18.55 -14.26
CA GLU C 17 -46.07 17.85 -13.03
C GLU C 17 -47.28 16.95 -13.22
N GLN C 18 -48.31 17.46 -13.89
CA GLN C 18 -49.51 16.67 -14.10
C GLN C 18 -49.24 15.50 -15.05
N LEU C 19 -48.41 15.72 -16.08
CA LEU C 19 -48.08 14.63 -16.97
C LEU C 19 -47.25 13.56 -16.27
N LYS C 20 -46.36 13.97 -15.35
CA LYS C 20 -45.64 13.00 -14.53
C LYS C 20 -46.58 12.24 -13.62
N ASN C 21 -47.58 12.91 -13.06
CA ASN C 21 -48.59 12.20 -12.27
C ASN C 21 -49.34 11.18 -13.11
N GLN C 22 -49.71 11.56 -14.33
CA GLN C 22 -50.37 10.62 -15.23
C GLN C 22 -49.47 9.44 -15.53
N ILE C 23 -48.18 9.69 -15.76
CA ILE C 23 -47.24 8.62 -16.06
C ILE C 23 -47.13 7.67 -14.88
N ARG C 24 -46.97 8.21 -13.68
CA ARG C 24 -46.79 7.35 -12.51
C ARG C 24 -48.06 6.58 -12.19
N ASP C 25 -49.23 7.17 -12.47
CA ASP C 25 -50.47 6.45 -12.23
C ASP C 25 -50.68 5.36 -13.27
N ALA C 26 -50.28 5.60 -14.52
CA ALA C 26 -50.37 4.57 -15.54
C ALA C 26 -49.43 3.41 -15.24
N ARG C 27 -48.22 3.72 -14.77
CA ARG C 27 -47.30 2.67 -14.34
C ARG C 27 -47.86 1.94 -13.12
N LYS C 28 -48.50 2.67 -12.22
CA LYS C 28 -49.26 2.02 -11.16
C LYS C 28 -50.46 1.30 -11.75
N ALA C 29 -50.95 0.30 -11.02
CA ALA C 29 -52.13 -0.47 -11.41
C ALA C 29 -51.87 -1.27 -12.68
N CYS C 30 -50.70 -1.09 -13.29
CA CYS C 30 -50.21 -1.99 -14.31
C CYS C 30 -49.36 -3.10 -13.72
N ALA C 31 -49.12 -3.04 -12.41
CA ALA C 31 -48.35 -4.05 -11.69
C ALA C 31 -49.28 -4.76 -10.73
N ASP C 32 -49.52 -6.05 -10.99
CA ASP C 32 -50.42 -6.83 -10.16
C ASP C 32 -49.67 -7.50 -9.01
N ALA C 33 -48.62 -8.25 -9.33
CA ALA C 33 -47.86 -8.99 -8.34
C ALA C 33 -46.38 -8.67 -8.47
N THR C 34 -45.70 -8.60 -7.33
CA THR C 34 -44.27 -8.33 -7.32
C THR C 34 -43.50 -9.53 -7.83
N LEU C 35 -42.32 -9.26 -8.39
CA LEU C 35 -41.47 -10.34 -8.87
C LEU C 35 -41.09 -11.28 -7.74
N SER C 36 -40.99 -10.75 -6.52
CA SER C 36 -40.73 -11.61 -5.37
C SER C 36 -41.85 -12.61 -5.15
N GLN C 37 -43.09 -12.13 -5.15
CA GLN C 37 -44.24 -13.01 -4.92
C GLN C 37 -44.36 -14.04 -6.04
N ILE C 38 -44.23 -13.61 -7.29
CA ILE C 38 -44.35 -14.56 -8.39
C ILE C 38 -43.19 -15.54 -8.39
N THR C 39 -42.02 -15.13 -7.93
CA THR C 39 -40.86 -16.00 -7.80
C THR C 39 -40.71 -16.48 -6.36
N ASN C 40 -41.74 -17.12 -5.81
CA ASN C 40 -41.70 -17.59 -4.43
C ASN C 40 -41.50 -19.09 -4.33
N ASN C 41 -42.19 -19.86 -5.17
CA ASN C 41 -42.00 -21.30 -5.17
C ASN C 41 -40.62 -21.67 -5.72
N ILE C 42 -40.13 -20.84 -6.65
CA ILE C 42 -38.88 -21.16 -7.34
C ILE C 42 -37.73 -21.36 -6.38
N ASP C 43 -36.90 -22.35 -6.65
CA ASP C 43 -35.87 -22.74 -5.71
C ASP C 43 -34.67 -21.80 -5.76
N PRO C 44 -33.94 -21.69 -4.66
CA PRO C 44 -32.73 -20.87 -4.65
C PRO C 44 -31.63 -21.47 -5.52
N VAL C 45 -30.75 -20.59 -5.97
CA VAL C 45 -29.59 -21.05 -6.72
C VAL C 45 -28.64 -21.83 -5.82
N GLY C 46 -28.53 -21.46 -4.56
CA GLY C 46 -27.60 -22.11 -3.66
C GLY C 46 -26.26 -21.40 -3.67
N ARG C 47 -25.58 -21.38 -2.51
CA ARG C 47 -24.31 -20.66 -2.40
C ARG C 47 -23.32 -21.20 -3.41
N ILE C 48 -22.81 -20.32 -4.28
CA ILE C 48 -21.86 -20.70 -5.30
C ILE C 48 -20.47 -20.30 -4.84
N GLN C 49 -19.52 -21.22 -4.99
CA GLN C 49 -18.13 -20.97 -4.63
C GLN C 49 -17.35 -20.74 -5.91
N MET C 50 -16.62 -19.65 -5.98
CA MET C 50 -15.84 -19.31 -7.15
C MET C 50 -14.40 -19.05 -6.74
N ARG C 51 -13.46 -19.44 -7.59
CA ARG C 51 -12.06 -19.30 -7.27
C ARG C 51 -11.27 -18.75 -8.42
N THR C 52 -10.22 -18.02 -8.11
CA THR C 52 -9.44 -17.41 -9.14
C THR C 52 -8.68 -18.48 -9.87
N ARG C 53 -8.91 -18.61 -11.16
CA ARG C 53 -8.15 -19.57 -11.95
C ARG C 53 -6.91 -18.95 -12.53
N ARG C 54 -6.99 -17.69 -12.92
CA ARG C 54 -5.85 -17.01 -13.50
C ARG C 54 -5.77 -15.59 -13.01
N THR C 55 -4.61 -15.11 -12.62
CA THR C 55 -4.42 -13.73 -12.20
C THR C 55 -3.44 -13.08 -13.16
N LEU C 56 -3.92 -12.10 -13.91
CA LEU C 56 -3.13 -11.46 -14.95
C LEU C 56 -2.42 -10.25 -14.36
N ARG C 57 -1.10 -10.22 -14.47
CA ARG C 57 -0.30 -9.17 -13.87
C ARG C 57 0.45 -8.40 -14.94
N GLY C 58 0.76 -7.15 -14.63
CA GLY C 58 1.51 -6.35 -15.57
C GLY C 58 1.11 -4.89 -15.62
N HIS C 59 -0.13 -4.58 -15.28
CA HIS C 59 -0.55 -3.19 -15.24
C HIS C 59 0.04 -2.52 -14.01
N LEU C 60 0.41 -1.25 -14.16
CA LEU C 60 1.12 -0.53 -13.12
C LEU C 60 0.16 0.18 -12.17
N ALA C 61 -0.71 1.02 -12.71
CA ALA C 61 -1.68 1.76 -11.93
C ALA C 61 -3.04 1.06 -12.01
N LYS C 62 -4.06 1.72 -11.49
CA LYS C 62 -5.36 1.08 -11.37
C LYS C 62 -5.99 0.85 -12.75
N ILE C 63 -6.98 -0.01 -12.76
CA ILE C 63 -7.60 -0.40 -14.00
C ILE C 63 -8.94 0.23 -14.01
N TYR C 64 -9.30 0.82 -15.13
CA TYR C 64 -10.58 1.44 -15.19
C TYR C 64 -11.59 0.69 -16.02
N ALA C 65 -11.17 -0.13 -16.96
CA ALA C 65 -12.12 -0.83 -17.78
C ALA C 65 -11.54 -2.09 -18.35
N MET C 66 -12.38 -2.92 -18.93
CA MET C 66 -11.96 -4.18 -19.51
C MET C 66 -13.07 -4.66 -20.41
N HIS C 67 -12.78 -5.51 -21.36
CA HIS C 67 -13.79 -5.98 -22.29
C HIS C 67 -13.36 -7.31 -22.85
N TRP C 68 -14.25 -8.29 -22.82
CA TRP C 68 -13.96 -9.58 -23.38
C TRP C 68 -14.08 -9.55 -24.90
N GLY C 69 -13.28 -10.35 -25.55
CA GLY C 69 -13.40 -10.51 -26.98
C GLY C 69 -14.55 -11.41 -27.33
N THR C 70 -14.85 -11.46 -28.63
CA THR C 70 -15.96 -12.28 -29.09
C THR C 70 -15.63 -13.75 -29.00
N ASP C 71 -14.37 -14.12 -29.16
CA ASP C 71 -14.01 -15.53 -29.03
C ASP C 71 -14.04 -16.00 -27.59
N SER C 72 -14.27 -15.11 -26.63
CA SER C 72 -14.24 -15.43 -25.22
C SER C 72 -12.86 -15.93 -24.79
N ARG C 73 -11.85 -15.52 -25.53
CA ARG C 73 -10.47 -15.98 -25.33
C ARG C 73 -9.53 -14.84 -25.03
N LEU C 74 -9.59 -13.76 -25.80
CA LEU C 74 -8.77 -12.58 -25.55
C LEU C 74 -9.61 -11.49 -24.91
N LEU C 75 -8.94 -10.62 -24.15
CA LEU C 75 -9.62 -9.47 -23.57
C LEU C 75 -8.65 -8.30 -23.48
N VAL C 76 -9.20 -7.10 -23.54
CA VAL C 76 -8.41 -5.88 -23.43
C VAL C 76 -8.69 -5.26 -22.08
N SER C 77 -7.69 -4.59 -21.53
CA SER C 77 -7.87 -3.91 -20.25
C SER C 77 -7.06 -2.64 -20.27
N ALA C 78 -7.70 -1.53 -19.92
CA ALA C 78 -7.06 -0.22 -19.94
C ALA C 78 -6.75 0.22 -18.52
N SER C 79 -5.52 0.66 -18.31
CA SER C 79 -5.08 1.09 -17.00
C SER C 79 -4.54 2.51 -17.08
N GLN C 80 -4.65 3.24 -15.98
CA GLN C 80 -4.28 4.64 -15.97
C GLN C 80 -2.80 4.87 -15.81
N ASP C 81 -1.99 3.86 -16.05
CA ASP C 81 -0.58 4.07 -16.30
C ASP C 81 -0.31 4.53 -17.71
N GLY C 82 -1.34 4.54 -18.56
CA GLY C 82 -1.20 4.94 -19.93
C GLY C 82 -1.12 3.82 -20.93
N LYS C 83 -1.49 2.60 -20.56
CA LYS C 83 -1.40 1.45 -21.45
C LYS C 83 -2.70 0.67 -21.42
N LEU C 84 -3.02 0.05 -22.54
CA LEU C 84 -4.04 -0.98 -22.57
C LEU C 84 -3.46 -2.15 -23.33
N ILE C 85 -3.57 -3.34 -22.75
CA ILE C 85 -2.91 -4.50 -23.30
C ILE C 85 -3.91 -5.61 -23.49
N ILE C 86 -3.62 -6.51 -24.43
CA ILE C 86 -4.55 -7.55 -24.84
C ILE C 86 -3.99 -8.88 -24.33
N TRP C 87 -4.78 -9.58 -23.55
CA TRP C 87 -4.36 -10.83 -22.95
C TRP C 87 -4.87 -12.02 -23.74
N ASP C 88 -4.35 -13.18 -23.38
CA ASP C 88 -4.88 -14.46 -23.79
C ASP C 88 -5.18 -15.18 -22.49
N SER C 89 -6.44 -15.17 -22.06
CA SER C 89 -6.78 -15.67 -20.75
C SER C 89 -6.57 -17.16 -20.61
N TYR C 90 -6.34 -17.90 -21.69
CA TYR C 90 -5.99 -19.31 -21.55
C TYR C 90 -4.56 -19.47 -21.05
N THR C 91 -3.63 -18.73 -21.62
CA THR C 91 -2.23 -18.93 -21.34
C THR C 91 -1.58 -17.77 -20.61
N THR C 92 -2.34 -16.73 -20.27
CA THR C 92 -1.85 -15.59 -19.49
C THR C 92 -0.81 -14.82 -20.30
N ASN C 93 -0.54 -15.26 -21.52
CA ASN C 93 0.38 -14.53 -22.38
C ASN C 93 -0.21 -13.18 -22.76
N LYS C 94 0.67 -12.24 -23.07
CA LYS C 94 0.25 -10.93 -23.53
C LYS C 94 0.44 -10.84 -25.03
N VAL C 95 -0.62 -10.50 -25.74
CA VAL C 95 -0.55 -10.42 -27.20
C VAL C 95 -0.08 -9.05 -27.65
N HIS C 96 -0.68 -7.99 -27.13
CA HIS C 96 -0.31 -6.63 -27.49
C HIS C 96 -0.21 -5.78 -26.23
N ALA C 97 0.52 -4.68 -26.35
CA ALA C 97 0.59 -3.67 -25.30
C ALA C 97 0.64 -2.31 -25.99
N ILE C 98 -0.50 -1.63 -26.03
CA ILE C 98 -0.63 -0.39 -26.78
C ILE C 98 -0.32 0.77 -25.83
N PRO C 99 0.67 1.65 -26.19
CA PRO C 99 0.82 2.80 -25.30
C PRO C 99 -0.13 3.89 -25.73
N LEU C 100 -0.76 4.58 -24.79
CA LEU C 100 -1.75 5.57 -25.13
C LEU C 100 -1.14 6.95 -25.18
N ARG C 101 -1.86 7.91 -25.73
CA ARG C 101 -1.38 9.27 -25.75
C ARG C 101 -1.73 9.99 -24.47
N SER C 102 -2.92 9.78 -23.97
CA SER C 102 -3.30 10.36 -22.69
C SER C 102 -3.40 9.26 -21.70
N SER C 103 -2.77 9.44 -20.55
CA SER C 103 -2.76 8.40 -19.55
C SER C 103 -4.05 8.28 -18.84
N TRP C 104 -4.97 9.22 -18.99
CA TRP C 104 -6.19 9.18 -18.22
C TRP C 104 -7.30 8.54 -18.97
N VAL C 105 -7.21 7.24 -19.16
CA VAL C 105 -8.21 6.46 -19.89
C VAL C 105 -9.24 5.93 -18.91
N MET C 106 -10.51 6.06 -19.26
CA MET C 106 -11.60 5.65 -18.40
C MET C 106 -12.43 4.51 -18.96
N THR C 107 -12.24 4.15 -20.22
CA THR C 107 -13.05 3.11 -20.82
C THR C 107 -12.29 2.45 -21.95
N CYS C 108 -12.73 1.26 -22.32
CA CYS C 108 -12.19 0.57 -23.47
C CYS C 108 -13.23 -0.41 -23.97
N ALA C 109 -13.05 -0.87 -25.20
CA ALA C 109 -13.98 -1.80 -25.81
C ALA C 109 -13.24 -2.63 -26.84
N TYR C 110 -13.79 -3.78 -27.15
CA TYR C 110 -13.19 -4.72 -28.10
C TYR C 110 -14.16 -4.88 -29.26
N ALA C 111 -13.67 -4.67 -30.48
CA ALA C 111 -14.54 -4.77 -31.64
C ALA C 111 -14.99 -6.20 -31.82
N PRO C 112 -16.25 -6.42 -32.22
CA PRO C 112 -16.74 -7.79 -32.35
C PRO C 112 -15.93 -8.62 -33.32
N SER C 113 -15.46 -8.03 -34.40
CA SER C 113 -14.67 -8.79 -35.35
C SER C 113 -13.29 -9.13 -34.82
N GLY C 114 -12.87 -8.51 -33.72
CA GLY C 114 -11.53 -8.68 -33.22
C GLY C 114 -10.48 -7.85 -33.93
N ASN C 115 -10.88 -7.06 -34.93
CA ASN C 115 -9.91 -6.28 -35.66
C ASN C 115 -9.55 -4.97 -34.96
N TYR C 116 -10.40 -4.48 -34.07
CA TYR C 116 -10.21 -3.15 -33.52
C TYR C 116 -10.42 -3.16 -32.01
N VAL C 117 -9.86 -2.15 -31.38
CA VAL C 117 -10.00 -1.88 -29.95
C VAL C 117 -10.14 -0.38 -29.78
N ALA C 118 -11.05 0.05 -28.92
CA ALA C 118 -11.24 1.47 -28.67
C ALA C 118 -10.96 1.80 -27.22
N CYS C 119 -10.78 3.08 -26.94
CA CYS C 119 -10.50 3.57 -25.60
C CYS C 119 -10.78 5.06 -25.53
N GLY C 120 -10.93 5.56 -24.32
CA GLY C 120 -11.20 6.98 -24.13
C GLY C 120 -11.16 7.31 -22.66
N GLY C 121 -11.15 8.60 -22.33
CA GLY C 121 -11.04 8.97 -20.93
C GLY C 121 -11.47 10.38 -20.60
N LEU C 122 -10.86 10.96 -19.57
CA LEU C 122 -11.18 12.32 -19.18
C LEU C 122 -11.06 13.22 -20.39
N ASP C 123 -9.94 13.14 -21.10
CA ASP C 123 -9.80 13.90 -22.33
C ASP C 123 -10.97 13.56 -23.21
N ASN C 124 -11.68 14.57 -23.70
CA ASN C 124 -12.87 14.32 -24.50
C ASN C 124 -12.56 13.81 -25.91
N ILE C 125 -12.23 12.52 -26.02
CA ILE C 125 -11.92 11.92 -27.33
C ILE C 125 -12.11 10.41 -27.30
N CYS C 126 -11.97 9.76 -28.46
CA CYS C 126 -12.08 8.33 -28.48
C CYS C 126 -11.06 7.95 -29.50
N SER C 127 -10.32 6.90 -29.26
CA SER C 127 -9.28 6.44 -30.17
C SER C 127 -9.53 5.01 -30.58
N ILE C 128 -9.47 4.74 -31.88
CA ILE C 128 -9.67 3.42 -32.44
C ILE C 128 -8.29 2.88 -32.83
N TYR C 129 -8.00 1.65 -32.40
CA TYR C 129 -6.71 1.04 -32.66
C TYR C 129 -6.87 -0.15 -33.61
N ASN C 130 -6.11 -0.16 -34.67
CA ASN C 130 -6.15 -1.23 -35.67
C ASN C 130 -5.22 -2.34 -35.22
N LEU C 131 -5.79 -3.49 -34.86
CA LEU C 131 -4.95 -4.58 -34.40
C LEU C 131 -4.35 -5.35 -35.57
N LYS C 132 -5.20 -5.91 -36.42
CA LYS C 132 -4.72 -6.68 -37.55
C LYS C 132 -4.17 -5.75 -38.62
N THR C 133 -2.90 -5.41 -38.51
CA THR C 133 -2.26 -4.46 -39.42
C THR C 133 -1.18 -5.18 -40.24
N ARG C 134 -0.97 -4.67 -41.46
CA ARG C 134 -0.05 -5.32 -42.37
C ARG C 134 1.38 -5.28 -41.86
N GLU C 135 1.80 -4.14 -41.33
CA GLU C 135 3.18 -4.00 -40.86
C GLU C 135 3.45 -4.83 -39.62
N GLY C 136 2.41 -5.18 -38.87
CA GLY C 136 2.55 -5.93 -37.64
C GLY C 136 2.66 -5.07 -36.40
N ASN C 137 2.85 -3.76 -36.55
CA ASN C 137 2.90 -2.83 -35.43
C ASN C 137 1.62 -2.02 -35.40
N VAL C 138 0.98 -1.97 -34.21
CA VAL C 138 -0.29 -1.30 -34.09
C VAL C 138 -0.13 0.20 -34.33
N ARG C 139 -1.23 0.86 -34.64
CA ARG C 139 -1.22 2.31 -34.82
C ARG C 139 -2.65 2.81 -34.66
N VAL C 140 -2.80 4.03 -34.15
CA VAL C 140 -4.13 4.62 -34.01
C VAL C 140 -4.72 4.85 -35.38
N SER C 141 -5.84 4.23 -35.67
CA SER C 141 -6.49 4.36 -36.96
C SER C 141 -7.41 5.56 -37.04
N ARG C 142 -7.85 6.10 -35.91
CA ARG C 142 -8.80 7.20 -35.94
C ARG C 142 -8.93 7.79 -34.55
N GLU C 143 -9.19 9.10 -34.47
CA GLU C 143 -9.42 9.78 -33.21
C GLU C 143 -10.78 10.43 -33.41
N LEU C 144 -11.76 10.10 -32.58
CA LEU C 144 -13.13 10.57 -32.78
C LEU C 144 -13.36 11.78 -31.88
N ALA C 145 -12.77 12.89 -32.26
CA ALA C 145 -12.91 14.10 -31.47
C ALA C 145 -14.26 14.75 -31.75
N GLY C 146 -14.69 15.61 -30.84
CA GLY C 146 -15.87 16.39 -31.13
C GLY C 146 -16.85 16.72 -30.04
N HIS C 147 -16.89 15.93 -28.97
CA HIS C 147 -17.76 16.27 -27.85
C HIS C 147 -17.05 16.66 -26.59
N THR C 148 -17.69 17.49 -25.79
CA THR C 148 -17.06 18.00 -24.59
C THR C 148 -17.23 17.01 -23.51
N GLY C 149 -16.58 17.21 -22.38
CA GLY C 149 -16.76 16.31 -21.27
C GLY C 149 -16.09 14.97 -21.39
N TYR C 150 -15.69 14.40 -20.27
CA TYR C 150 -14.98 13.14 -20.30
C TYR C 150 -15.79 12.05 -20.95
N LEU C 151 -15.12 11.11 -21.56
CA LEU C 151 -15.79 10.00 -22.23
C LEU C 151 -15.70 8.79 -21.32
N SER C 152 -16.84 8.17 -21.02
CA SER C 152 -16.88 7.13 -20.00
C SER C 152 -17.29 5.75 -20.48
N CYS C 153 -17.66 5.56 -21.75
CA CYS C 153 -17.89 4.21 -22.23
C CYS C 153 -17.95 4.19 -23.75
N CYS C 154 -17.34 3.16 -24.34
CA CYS C 154 -17.34 2.90 -25.76
C CYS C 154 -17.88 1.50 -26.01
N ARG C 155 -18.55 1.30 -27.13
CA ARG C 155 -19.03 -0.01 -27.43
C ARG C 155 -19.25 -0.12 -28.88
N PHE C 156 -18.29 -0.68 -29.59
CA PHE C 156 -18.35 -0.82 -31.03
C PHE C 156 -19.62 -1.47 -31.49
N LEU C 157 -20.36 -0.83 -32.37
CA LEU C 157 -21.57 -1.43 -32.89
C LEU C 157 -21.08 -2.55 -33.77
N ASP C 158 -20.13 -2.22 -34.60
CA ASP C 158 -19.44 -3.14 -35.50
C ASP C 158 -18.22 -2.41 -36.05
N ASP C 159 -17.55 -2.97 -37.03
CA ASP C 159 -16.45 -2.27 -37.62
C ASP C 159 -17.06 -1.08 -38.32
N ASN C 160 -16.46 0.09 -38.12
CA ASN C 160 -16.87 1.39 -38.69
C ASN C 160 -18.15 2.05 -38.11
N GLN C 161 -18.46 1.79 -36.85
CA GLN C 161 -19.60 2.38 -36.15
C GLN C 161 -19.43 2.11 -34.67
N ILE C 162 -19.34 3.15 -33.89
CA ILE C 162 -19.12 3.09 -32.46
C ILE C 162 -20.02 4.11 -31.79
N VAL C 163 -20.44 3.80 -30.57
CA VAL C 163 -21.29 4.69 -29.79
C VAL C 163 -20.55 5.05 -28.52
N THR C 164 -20.65 6.31 -28.12
CA THR C 164 -19.88 6.81 -27.00
C THR C 164 -20.80 7.55 -26.02
N SER C 165 -20.49 7.39 -24.75
CA SER C 165 -21.13 8.14 -23.69
C SER C 165 -20.13 9.12 -23.10
N SER C 166 -20.61 10.28 -22.69
CA SER C 166 -19.71 11.30 -22.20
C SER C 166 -20.30 12.00 -20.99
N GLY C 167 -19.46 12.75 -20.32
CA GLY C 167 -19.85 13.57 -19.20
C GLY C 167 -20.47 14.89 -19.55
N ASP C 168 -20.63 15.19 -20.84
CA ASP C 168 -21.37 16.37 -21.26
C ASP C 168 -22.86 16.11 -21.31
N THR C 169 -23.32 15.03 -20.69
CA THR C 169 -24.73 14.65 -20.61
C THR C 169 -25.30 14.34 -21.99
N THR C 170 -24.52 13.69 -22.84
CA THR C 170 -24.97 13.29 -24.16
C THR C 170 -24.41 11.92 -24.49
N CYS C 171 -24.92 11.34 -25.57
CA CYS C 171 -24.29 10.19 -26.20
C CYS C 171 -24.29 10.43 -27.70
N ALA C 172 -23.37 9.77 -28.38
CA ALA C 172 -23.17 10.03 -29.80
C ALA C 172 -22.97 8.72 -30.54
N LEU C 173 -23.28 8.74 -31.84
CA LEU C 173 -22.98 7.64 -32.74
C LEU C 173 -22.02 8.16 -33.81
N TRP C 174 -20.93 7.45 -34.02
CA TRP C 174 -19.86 7.91 -34.89
C TRP C 174 -19.79 7.08 -36.16
N ASP C 175 -18.98 7.57 -37.09
CA ASP C 175 -18.65 6.86 -38.32
C ASP C 175 -17.13 6.83 -38.40
N ILE C 176 -16.54 5.66 -38.17
CA ILE C 176 -15.10 5.58 -37.92
C ILE C 176 -14.33 6.10 -39.12
N GLU C 177 -14.64 5.61 -40.32
CA GLU C 177 -13.89 6.04 -41.48
C GLU C 177 -14.19 7.50 -41.82
N THR C 178 -15.42 7.95 -41.61
CA THR C 178 -15.73 9.35 -41.82
C THR C 178 -15.15 10.20 -40.70
N GLY C 179 -15.29 9.74 -39.45
CA GLY C 179 -14.80 10.49 -38.31
C GLY C 179 -15.72 11.56 -37.79
N GLN C 180 -16.99 11.55 -38.20
CA GLN C 180 -17.94 12.59 -37.83
C GLN C 180 -19.10 11.96 -37.07
N GLN C 181 -19.62 12.68 -36.09
CA GLN C 181 -20.85 12.24 -35.45
C GLN C 181 -21.96 12.14 -36.48
N THR C 182 -22.70 11.04 -36.45
CA THR C 182 -23.87 10.93 -37.31
C THR C 182 -25.17 11.12 -36.56
N THR C 183 -25.20 10.82 -35.27
CA THR C 183 -26.37 11.02 -34.45
C THR C 183 -25.92 11.37 -33.05
N THR C 184 -26.72 12.17 -32.35
CA THR C 184 -26.43 12.52 -30.99
C THR C 184 -27.69 12.37 -30.14
N PHE C 185 -27.53 11.82 -28.95
CA PHE C 185 -28.65 11.52 -28.07
C PHE C 185 -28.56 12.42 -26.85
N THR C 186 -29.51 13.33 -26.72
CA THR C 186 -29.51 14.32 -25.65
C THR C 186 -30.76 14.13 -24.79
N GLY C 187 -30.66 14.58 -23.55
CA GLY C 187 -31.79 14.48 -22.64
C GLY C 187 -31.38 14.14 -21.23
N HIS C 188 -30.25 13.47 -21.07
CA HIS C 188 -29.71 13.26 -19.74
C HIS C 188 -29.28 14.59 -19.15
N THR C 189 -29.36 14.71 -17.83
CA THR C 189 -28.96 15.94 -17.18
C THR C 189 -27.61 15.86 -16.47
N GLY C 190 -27.28 14.72 -15.88
CA GLY C 190 -25.95 14.51 -15.30
C GLY C 190 -25.05 13.76 -16.26
N ASP C 191 -23.83 13.49 -15.78
CA ASP C 191 -22.89 12.72 -16.59
C ASP C 191 -23.43 11.33 -16.88
N VAL C 192 -23.27 10.89 -18.11
CA VAL C 192 -23.62 9.53 -18.51
C VAL C 192 -22.44 8.64 -18.14
N MET C 193 -22.68 7.64 -17.29
CA MET C 193 -21.58 6.84 -16.81
C MET C 193 -21.32 5.60 -17.64
N SER C 194 -22.34 4.88 -18.08
CA SER C 194 -22.08 3.69 -18.89
C SER C 194 -23.29 3.38 -19.73
N LEU C 195 -23.05 2.70 -20.84
CA LEU C 195 -24.11 2.26 -21.74
C LEU C 195 -23.81 0.83 -22.18
N SER C 196 -24.88 0.10 -22.50
CA SER C 196 -24.76 -1.27 -22.96
C SER C 196 -25.58 -1.46 -24.22
N LEU C 197 -24.95 -1.96 -25.27
CA LEU C 197 -25.65 -2.21 -26.50
C LEU C 197 -26.59 -3.39 -26.34
N ALA C 198 -27.65 -3.39 -27.14
CA ALA C 198 -28.61 -4.46 -27.07
C ALA C 198 -28.01 -5.74 -27.63
N PRO C 199 -28.52 -6.90 -27.20
CA PRO C 199 -28.06 -8.15 -27.81
C PRO C 199 -28.25 -8.18 -29.31
N ASP C 200 -29.31 -7.58 -29.82
CA ASP C 200 -29.51 -7.50 -31.26
C ASP C 200 -28.84 -6.28 -31.88
N THR C 201 -28.08 -5.52 -31.09
CA THR C 201 -27.33 -4.36 -31.57
C THR C 201 -28.26 -3.36 -32.23
N ARG C 202 -29.43 -3.16 -31.62
CA ARG C 202 -30.50 -2.36 -32.20
C ARG C 202 -30.95 -1.22 -31.32
N LEU C 203 -30.90 -1.36 -30.00
CA LEU C 203 -31.09 -0.25 -29.08
C LEU C 203 -29.93 -0.22 -28.09
N PHE C 204 -30.00 0.65 -27.10
CA PHE C 204 -29.06 0.60 -25.98
C PHE C 204 -29.60 1.44 -24.84
N VAL C 205 -29.06 1.22 -23.65
CA VAL C 205 -29.47 1.91 -22.44
C VAL C 205 -28.30 2.72 -21.93
N SER C 206 -28.60 3.70 -21.08
CA SER C 206 -27.58 4.62 -20.60
C SER C 206 -28.03 5.19 -19.26
N GLY C 207 -27.32 4.82 -18.20
CA GLY C 207 -27.56 5.42 -16.91
C GLY C 207 -26.65 6.62 -16.69
N ALA C 208 -27.15 7.60 -15.96
CA ALA C 208 -26.45 8.87 -15.85
C ALA C 208 -26.36 9.29 -14.39
N CYS C 209 -25.57 10.34 -14.16
CA CYS C 209 -25.40 10.89 -12.82
C CYS C 209 -26.58 11.76 -12.45
N ASP C 210 -27.79 11.23 -12.60
CA ASP C 210 -28.98 11.90 -12.12
C ASP C 210 -29.97 10.90 -11.54
N ALA C 211 -29.50 9.66 -11.41
CA ALA C 211 -30.28 8.52 -10.92
C ALA C 211 -31.48 8.26 -11.80
N SER C 212 -31.22 8.12 -13.08
CA SER C 212 -32.25 7.88 -14.09
C SER C 212 -31.61 7.23 -15.30
N ALA C 213 -32.29 6.26 -15.87
CA ALA C 213 -31.83 5.58 -17.07
C ALA C 213 -32.75 5.91 -18.23
N LYS C 214 -32.31 5.53 -19.42
CA LYS C 214 -33.02 5.84 -20.65
C LYS C 214 -32.76 4.74 -21.67
N LEU C 215 -33.63 4.66 -22.66
CA LEU C 215 -33.46 3.75 -23.78
C LEU C 215 -33.50 4.56 -25.07
N TRP C 216 -32.59 4.25 -25.98
CA TRP C 216 -32.47 4.98 -27.24
C TRP C 216 -32.71 4.04 -28.40
N ASP C 217 -32.51 4.56 -29.61
CA ASP C 217 -32.47 3.72 -30.79
C ASP C 217 -31.51 4.35 -31.78
N VAL C 218 -30.54 3.56 -32.24
CA VAL C 218 -29.48 4.09 -33.07
C VAL C 218 -29.97 4.57 -34.42
N ARG C 219 -31.15 4.11 -34.88
CA ARG C 219 -31.66 4.56 -36.16
C ARG C 219 -31.95 6.05 -36.14
N GLU C 220 -32.84 6.50 -35.26
CA GLU C 220 -33.10 7.92 -35.07
C GLU C 220 -32.90 8.25 -33.60
N GLY C 221 -32.03 9.22 -33.33
CA GLY C 221 -31.72 9.57 -31.96
C GLY C 221 -32.90 10.15 -31.23
N MET C 222 -33.48 9.37 -30.32
CA MET C 222 -34.65 9.80 -29.58
C MET C 222 -34.86 8.85 -28.41
N CYS C 223 -35.04 9.41 -27.23
CA CYS C 223 -35.22 8.60 -26.04
C CYS C 223 -36.60 7.98 -26.04
N ARG C 224 -36.66 6.68 -25.74
CA ARG C 224 -37.93 5.95 -25.77
C ARG C 224 -38.55 5.86 -24.38
N GLN C 225 -37.83 5.32 -23.42
CA GLN C 225 -38.31 5.23 -22.05
C GLN C 225 -37.32 5.91 -21.13
N THR C 226 -37.78 6.25 -19.94
CA THR C 226 -36.94 6.90 -18.94
C THR C 226 -37.30 6.32 -17.58
N PHE C 227 -36.48 5.39 -17.10
CA PHE C 227 -36.77 4.67 -15.86
C PHE C 227 -36.09 5.39 -14.70
N THR C 228 -36.84 5.60 -13.63
CA THR C 228 -36.31 6.17 -12.42
C THR C 228 -36.34 5.13 -11.31
N GLY C 229 -36.01 5.56 -10.11
CA GLY C 229 -36.04 4.68 -8.97
C GLY C 229 -34.79 4.73 -8.13
N HIS C 230 -33.63 4.93 -8.74
CA HIS C 230 -32.43 4.98 -7.95
C HIS C 230 -32.33 6.32 -7.26
N GLU C 231 -31.55 6.42 -6.19
CA GLU C 231 -31.44 7.69 -5.48
C GLU C 231 -30.18 8.50 -5.66
N SER C 232 -29.24 7.98 -6.39
CA SER C 232 -28.01 8.67 -6.63
C SER C 232 -27.37 8.16 -7.90
N ASP C 233 -26.23 8.72 -8.24
CA ASP C 233 -25.48 8.39 -9.44
C ASP C 233 -25.44 6.94 -9.89
N ILE C 234 -25.91 6.70 -11.09
CA ILE C 234 -25.88 5.37 -11.68
C ILE C 234 -24.48 5.13 -12.23
N ASN C 235 -23.84 4.06 -11.77
CA ASN C 235 -22.45 3.80 -12.10
C ASN C 235 -22.25 2.81 -13.23
N ALA C 236 -23.16 1.85 -13.40
CA ALA C 236 -22.99 0.84 -14.41
C ALA C 236 -24.35 0.32 -14.83
N ILE C 237 -24.37 -0.35 -15.98
CA ILE C 237 -25.60 -0.82 -16.58
C ILE C 237 -25.22 -1.87 -17.61
N CYS C 238 -26.11 -2.80 -17.86
CA CYS C 238 -25.86 -3.86 -18.83
C CYS C 238 -27.20 -4.42 -19.25
N PHE C 239 -27.21 -5.12 -20.37
CA PHE C 239 -28.40 -5.79 -20.85
C PHE C 239 -28.46 -7.20 -20.31
N PHE C 240 -29.67 -7.62 -19.97
CA PHE C 240 -30.06 -8.99 -19.76
C PHE C 240 -30.00 -9.73 -21.07
N PRO C 241 -29.66 -11.03 -21.05
CA PRO C 241 -29.39 -11.74 -22.30
C PRO C 241 -30.51 -11.67 -23.32
N ASN C 242 -31.77 -11.72 -22.89
CA ASN C 242 -32.85 -11.70 -23.86
C ASN C 242 -32.96 -10.35 -24.54
N GLY C 243 -32.36 -9.31 -23.97
CA GLY C 243 -32.53 -7.97 -24.48
C GLY C 243 -33.80 -7.29 -24.04
N ASN C 244 -34.60 -7.94 -23.21
CA ASN C 244 -35.87 -7.39 -22.75
C ASN C 244 -35.76 -6.82 -21.33
N ALA C 245 -34.55 -6.64 -20.85
CA ALA C 245 -34.34 -6.12 -19.51
C ALA C 245 -32.93 -5.53 -19.45
N PHE C 246 -32.62 -4.96 -18.30
CA PHE C 246 -31.29 -4.41 -18.05
C PHE C 246 -31.20 -4.09 -16.58
N ALA C 247 -30.07 -4.41 -15.98
CA ALA C 247 -29.87 -4.19 -14.55
C ALA C 247 -28.83 -3.11 -14.37
N THR C 248 -29.14 -2.13 -13.54
CA THR C 248 -28.26 -0.99 -13.34
C THR C 248 -27.91 -0.88 -11.86
N GLY C 249 -26.65 -0.72 -11.55
CA GLY C 249 -26.27 -0.66 -10.16
C GLY C 249 -25.80 0.72 -9.95
N SER C 250 -26.32 1.39 -8.93
CA SER C 250 -25.98 2.79 -8.69
C SER C 250 -25.33 3.02 -7.33
N ASP C 251 -24.80 4.24 -7.12
CA ASP C 251 -24.17 4.59 -5.85
C ASP C 251 -25.17 4.68 -4.71
N ASP C 252 -26.44 4.90 -5.02
CA ASP C 252 -27.46 5.07 -3.98
C ASP C 252 -27.39 4.09 -2.84
N ALA C 253 -27.28 2.80 -3.15
CA ALA C 253 -27.19 1.78 -2.14
C ALA C 253 -26.66 0.63 -2.93
N THR C 254 -27.45 0.18 -3.92
CA THR C 254 -27.05 -0.98 -4.70
C THR C 254 -27.61 -1.12 -6.11
N CYS C 255 -28.11 -2.32 -6.45
CA CYS C 255 -28.56 -2.59 -7.83
C CYS C 255 -30.05 -2.77 -8.08
N ARG C 256 -30.49 -2.55 -9.31
CA ARG C 256 -31.89 -2.74 -9.70
C ARG C 256 -32.11 -3.33 -11.05
N LEU C 257 -33.28 -3.89 -11.22
CA LEU C 257 -33.60 -4.48 -12.51
C LEU C 257 -34.82 -3.79 -13.10
N PHE C 258 -34.73 -3.47 -14.38
CA PHE C 258 -35.81 -2.81 -15.11
C PHE C 258 -36.21 -3.66 -16.30
N ASP C 259 -37.46 -3.54 -16.72
CA ASP C 259 -37.96 -4.18 -17.92
C ASP C 259 -38.51 -3.13 -18.85
N LEU C 260 -38.05 -3.15 -20.10
CA LEU C 260 -38.41 -2.10 -21.05
C LEU C 260 -39.91 -2.09 -21.29
N ARG C 261 -40.51 -3.27 -21.50
CA ARG C 261 -41.90 -3.33 -21.90
C ARG C 261 -42.84 -3.07 -20.73
N ALA C 262 -42.48 -3.52 -19.52
CA ALA C 262 -43.27 -3.19 -18.35
C ALA C 262 -43.04 -1.74 -17.92
N ASP C 263 -41.91 -1.16 -18.27
CA ASP C 263 -41.61 0.24 -18.00
C ASP C 263 -41.71 0.56 -16.51
N GLN C 264 -41.05 -0.26 -15.69
CA GLN C 264 -41.08 -0.09 -14.26
C GLN C 264 -40.04 -1.02 -13.65
N GLU C 265 -39.40 -0.59 -12.56
CA GLU C 265 -38.49 -1.47 -11.86
C GLU C 265 -39.22 -2.73 -11.43
N LEU C 266 -38.60 -3.88 -11.69
CA LEU C 266 -39.22 -5.10 -11.19
C LEU C 266 -38.85 -5.33 -9.74
N MET C 267 -37.56 -5.45 -9.45
CA MET C 267 -37.15 -5.74 -8.08
C MET C 267 -35.72 -5.32 -7.87
N THR C 268 -35.38 -5.06 -6.61
CA THR C 268 -34.10 -4.49 -6.23
C THR C 268 -33.18 -5.57 -5.66
N TYR C 269 -31.97 -5.15 -5.29
CA TYR C 269 -30.95 -6.04 -4.76
C TYR C 269 -30.20 -5.27 -3.68
N SER C 270 -30.63 -5.42 -2.44
CA SER C 270 -30.02 -4.67 -1.34
C SER C 270 -29.72 -5.61 -0.19
N HIS C 271 -29.06 -5.06 0.82
CA HIS C 271 -28.77 -5.75 2.08
C HIS C 271 -28.18 -4.73 3.05
N ASP C 272 -28.42 -4.91 4.35
CA ASP C 272 -28.07 -3.88 5.31
C ASP C 272 -26.57 -3.65 5.39
N ASN C 273 -25.77 -4.72 5.31
CA ASN C 273 -24.32 -4.57 5.45
C ASN C 273 -23.73 -3.77 4.29
N ILE C 274 -24.25 -3.98 3.09
CA ILE C 274 -23.80 -3.28 1.90
C ILE C 274 -24.01 -1.80 2.11
N ILE C 275 -22.96 -1.01 2.21
CA ILE C 275 -23.08 0.41 2.45
C ILE C 275 -22.34 1.26 1.45
N CYS C 276 -21.71 0.69 0.44
CA CYS C 276 -21.09 1.55 -0.56
C CYS C 276 -21.90 1.47 -1.84
N GLY C 277 -21.29 1.73 -2.99
CA GLY C 277 -22.07 1.68 -4.20
C GLY C 277 -21.50 0.80 -5.26
N ILE C 278 -22.33 0.33 -6.17
CA ILE C 278 -21.84 -0.53 -7.21
C ILE C 278 -20.96 0.23 -8.16
N THR C 279 -20.02 -0.46 -8.72
CA THR C 279 -19.07 0.12 -9.65
C THR C 279 -19.14 -0.47 -11.06
N SER C 280 -19.59 -1.72 -11.20
CA SER C 280 -19.70 -2.34 -12.51
C SER C 280 -20.63 -3.53 -12.39
N VAL C 281 -21.35 -3.82 -13.46
CA VAL C 281 -22.40 -4.83 -13.46
C VAL C 281 -22.36 -5.59 -14.78
N SER C 282 -22.62 -6.89 -14.71
CA SER C 282 -22.79 -7.69 -15.92
C SER C 282 -23.57 -8.93 -15.58
N PHE C 283 -24.45 -9.36 -16.47
CA PHE C 283 -25.21 -10.57 -16.20
C PHE C 283 -24.41 -11.80 -16.59
N SER C 284 -24.90 -12.95 -16.18
CA SER C 284 -24.32 -14.22 -16.62
C SER C 284 -25.00 -14.64 -17.91
N LYS C 285 -24.63 -15.82 -18.43
CA LYS C 285 -25.10 -16.20 -19.74
C LYS C 285 -26.61 -16.38 -19.74
N SER C 286 -27.14 -17.06 -18.75
CA SER C 286 -28.56 -17.39 -18.71
C SER C 286 -29.38 -16.32 -18.05
N GLY C 287 -28.77 -15.19 -17.72
CA GLY C 287 -29.48 -14.17 -16.96
C GLY C 287 -29.96 -14.68 -15.62
N ARG C 288 -29.24 -15.63 -15.05
CA ARG C 288 -29.58 -16.16 -13.74
C ARG C 288 -28.58 -15.73 -12.68
N LEU C 289 -27.42 -15.23 -13.08
CA LEU C 289 -26.45 -14.73 -12.12
C LEU C 289 -26.08 -13.30 -12.47
N LEU C 290 -26.63 -12.35 -11.72
CA LEU C 290 -26.23 -10.95 -11.82
C LEU C 290 -24.98 -10.74 -10.98
N LEU C 291 -23.91 -10.26 -11.60
CA LEU C 291 -22.67 -9.98 -10.90
C LEU C 291 -22.51 -8.47 -10.77
N ALA C 292 -21.74 -8.05 -9.77
CA ALA C 292 -21.68 -6.63 -9.44
C ALA C 292 -20.43 -6.32 -8.64
N GLY C 293 -19.70 -5.29 -9.06
CA GLY C 293 -18.56 -4.84 -8.30
C GLY C 293 -18.96 -3.98 -7.12
N TYR C 294 -17.98 -3.65 -6.28
CA TYR C 294 -18.26 -2.87 -5.09
C TYR C 294 -17.03 -2.07 -4.66
N ASP C 295 -17.29 -1.03 -3.88
CA ASP C 295 -16.22 -0.26 -3.26
C ASP C 295 -15.57 -1.00 -2.11
N ASP C 296 -16.24 -2.00 -1.55
CA ASP C 296 -15.71 -2.82 -0.48
C ASP C 296 -14.81 -3.94 -0.99
N PHE C 297 -14.39 -3.87 -2.25
CA PHE C 297 -13.38 -4.73 -2.86
C PHE C 297 -13.92 -6.10 -3.20
N ASN C 298 -15.22 -6.30 -3.04
CA ASN C 298 -15.86 -7.57 -3.32
C ASN C 298 -16.54 -7.54 -4.67
N CYS C 299 -17.13 -8.67 -5.07
CA CYS C 299 -17.98 -8.72 -6.27
C CYS C 299 -19.08 -9.73 -5.98
N ASN C 300 -20.20 -9.26 -5.48
CA ASN C 300 -21.29 -10.16 -5.14
C ASN C 300 -21.89 -10.78 -6.40
N VAL C 301 -22.54 -11.93 -6.22
CA VAL C 301 -23.11 -12.69 -7.31
C VAL C 301 -24.60 -12.85 -7.00
N TRP C 302 -25.41 -11.91 -7.47
CA TRP C 302 -26.82 -11.92 -7.15
C TRP C 302 -27.58 -12.77 -8.13
N ASP C 303 -28.38 -13.70 -7.63
CA ASP C 303 -29.32 -14.38 -8.51
C ASP C 303 -30.37 -13.36 -8.96
N ALA C 304 -30.67 -13.38 -10.25
CA ALA C 304 -31.54 -12.35 -10.81
C ALA C 304 -32.92 -12.40 -10.20
N LEU C 305 -33.47 -13.60 -10.04
CA LEU C 305 -34.88 -13.76 -9.68
C LEU C 305 -35.11 -13.66 -8.17
N LYS C 306 -34.06 -13.70 -7.37
CA LYS C 306 -34.19 -13.64 -5.92
C LYS C 306 -33.48 -12.42 -5.40
N ALA C 307 -34.00 -11.87 -4.30
CA ALA C 307 -33.42 -10.70 -3.67
C ALA C 307 -32.34 -11.06 -2.64
N ASP C 308 -31.76 -12.26 -2.74
CA ASP C 308 -30.72 -12.69 -1.81
C ASP C 308 -29.51 -13.13 -2.62
N ARG C 309 -28.35 -12.57 -2.30
CA ARG C 309 -27.16 -12.93 -3.05
C ARG C 309 -26.73 -14.36 -2.72
N ALA C 310 -25.91 -14.92 -3.60
CA ALA C 310 -25.48 -16.30 -3.50
C ALA C 310 -24.00 -16.43 -3.19
N GLY C 311 -23.13 -15.82 -4.00
CA GLY C 311 -21.70 -15.97 -3.84
C GLY C 311 -21.00 -14.63 -3.68
N VAL C 312 -19.72 -14.72 -3.36
CA VAL C 312 -18.87 -13.54 -3.20
C VAL C 312 -17.54 -13.84 -3.86
N LEU C 313 -16.98 -12.86 -4.55
CA LEU C 313 -15.71 -13.04 -5.24
C LEU C 313 -14.63 -12.24 -4.60
N ALA C 314 -14.41 -12.44 -3.32
CA ALA C 314 -13.43 -11.63 -2.62
C ALA C 314 -12.03 -12.03 -3.01
N GLY C 315 -11.16 -11.05 -3.19
CA GLY C 315 -9.80 -11.35 -3.52
C GLY C 315 -9.03 -10.15 -3.95
N HIS C 316 -9.75 -9.07 -4.19
CA HIS C 316 -9.09 -7.88 -4.67
C HIS C 316 -8.70 -6.97 -3.53
N ASP C 317 -7.56 -6.30 -3.64
CA ASP C 317 -7.08 -5.47 -2.54
C ASP C 317 -7.64 -4.08 -2.55
N ASN C 318 -7.70 -3.42 -3.70
CA ASN C 318 -8.37 -2.14 -3.78
C ASN C 318 -9.76 -2.34 -4.39
N ARG C 319 -10.45 -1.27 -4.75
CA ARG C 319 -11.84 -1.39 -5.17
C ARG C 319 -11.95 -1.97 -6.57
N VAL C 320 -13.08 -2.62 -6.83
CA VAL C 320 -13.32 -3.30 -8.09
C VAL C 320 -13.98 -2.32 -9.04
N SER C 321 -13.41 -2.17 -10.24
CA SER C 321 -13.89 -1.17 -11.17
C SER C 321 -14.55 -1.74 -12.42
N CYS C 322 -14.32 -3.01 -12.75
CA CYS C 322 -14.89 -3.55 -13.98
C CYS C 322 -14.99 -5.05 -13.85
N LEU C 323 -16.04 -5.62 -14.44
CA LEU C 323 -16.13 -7.05 -14.57
C LEU C 323 -17.03 -7.39 -15.74
N GLY C 324 -16.71 -8.51 -16.39
CA GLY C 324 -17.48 -8.95 -17.54
C GLY C 324 -17.43 -10.45 -17.76
N VAL C 325 -18.57 -11.02 -18.06
CA VAL C 325 -18.71 -12.44 -18.32
C VAL C 325 -18.54 -12.68 -19.81
N THR C 326 -17.92 -13.80 -20.16
CA THR C 326 -17.62 -14.07 -21.55
C THR C 326 -18.89 -14.34 -22.34
N ASP C 327 -18.73 -14.53 -23.65
CA ASP C 327 -19.88 -14.85 -24.49
C ASP C 327 -20.29 -16.30 -24.36
N ASP C 328 -19.36 -17.21 -24.07
CA ASP C 328 -19.73 -18.58 -23.81
C ASP C 328 -20.09 -18.82 -22.35
N GLY C 329 -19.88 -17.83 -21.49
CA GLY C 329 -20.20 -17.98 -20.08
C GLY C 329 -19.19 -18.78 -19.29
N MET C 330 -18.09 -19.19 -19.89
CA MET C 330 -17.15 -20.04 -19.17
C MET C 330 -16.44 -19.30 -18.05
N ALA C 331 -16.17 -18.01 -18.20
CA ALA C 331 -15.29 -17.33 -17.27
C ALA C 331 -15.82 -15.96 -16.92
N VAL C 332 -15.29 -15.40 -15.84
CA VAL C 332 -15.63 -14.07 -15.36
C VAL C 332 -14.34 -13.35 -15.00
N ALA C 333 -14.14 -12.16 -15.53
CA ALA C 333 -12.95 -11.39 -15.22
C ALA C 333 -13.33 -10.17 -14.40
N THR C 334 -12.46 -9.76 -13.49
CA THR C 334 -12.67 -8.57 -12.67
C THR C 334 -11.36 -7.82 -12.55
N GLY C 335 -11.23 -6.72 -13.25
CA GLY C 335 -10.16 -5.80 -12.96
C GLY C 335 -10.46 -5.00 -11.71
N SER C 336 -9.44 -4.34 -11.19
CA SER C 336 -9.64 -3.58 -9.97
C SER C 336 -8.52 -2.57 -9.80
N TRP C 337 -8.71 -1.69 -8.82
CA TRP C 337 -7.79 -0.59 -8.62
C TRP C 337 -6.46 -1.03 -8.05
N ASP C 338 -6.30 -2.31 -7.69
CA ASP C 338 -5.01 -2.82 -7.29
C ASP C 338 -4.14 -3.21 -8.47
N SER C 339 -4.64 -3.01 -9.69
CA SER C 339 -3.91 -3.23 -10.93
C SER C 339 -3.72 -4.70 -11.26
N PHE C 340 -4.71 -5.53 -10.98
CA PHE C 340 -4.67 -6.93 -11.33
C PHE C 340 -5.99 -7.33 -11.96
N LEU C 341 -5.92 -8.27 -12.91
CA LEU C 341 -7.12 -8.94 -13.36
C LEU C 341 -7.14 -10.35 -12.81
N LYS C 342 -8.34 -10.89 -12.65
CA LYS C 342 -8.52 -12.22 -12.09
C LYS C 342 -9.61 -12.93 -12.89
N ILE C 343 -9.42 -14.19 -13.27
CA ILE C 343 -10.37 -14.89 -14.08
C ILE C 343 -10.97 -15.96 -13.24
N TRP C 344 -12.19 -15.75 -12.77
CA TRP C 344 -12.86 -16.71 -11.93
C TRP C 344 -13.61 -17.71 -12.77
N ASN C 345 -13.77 -18.93 -12.30
CA ASN C 345 -14.53 -19.94 -13.03
C ASN C 345 -15.19 -20.86 -12.04
N ASN D 4 -36.10 36.09 -25.68
CA ASN D 4 -36.57 34.84 -25.08
C ASN D 4 -35.50 34.24 -24.16
N THR D 5 -35.93 33.77 -22.99
CA THR D 5 -35.02 33.13 -22.06
C THR D 5 -34.72 31.69 -22.43
N ALA D 6 -35.48 31.11 -23.38
CA ALA D 6 -35.29 29.76 -23.90
C ALA D 6 -35.61 28.70 -22.84
N SER D 7 -35.91 29.14 -21.61
CA SER D 7 -36.36 28.20 -20.59
C SER D 7 -37.69 27.57 -21.00
N ILE D 8 -38.60 28.39 -21.52
CA ILE D 8 -39.87 27.86 -22.01
C ILE D 8 -39.63 26.96 -23.22
N ALA D 9 -38.65 27.29 -24.06
CA ALA D 9 -38.34 26.43 -25.20
C ALA D 9 -37.85 25.07 -24.74
N GLN D 10 -37.01 25.03 -23.71
CA GLN D 10 -36.53 23.76 -23.18
C GLN D 10 -37.65 22.99 -22.48
N ALA D 11 -38.50 23.70 -21.74
CA ALA D 11 -39.63 23.04 -21.09
C ALA D 11 -40.59 22.45 -22.11
N ARG D 12 -40.75 23.10 -23.27
CA ARG D 12 -41.62 22.58 -24.30
C ARG D 12 -41.10 21.26 -24.85
N LYS D 13 -39.80 21.18 -25.14
CA LYS D 13 -39.26 19.92 -25.64
C LYS D 13 -39.27 18.86 -24.55
N LEU D 14 -39.07 19.26 -23.29
CA LEU D 14 -39.16 18.29 -22.20
C LEU D 14 -40.56 17.71 -22.08
N VAL D 15 -41.58 18.57 -22.15
CA VAL D 15 -42.95 18.09 -21.97
C VAL D 15 -43.39 17.27 -23.19
N GLU D 16 -42.91 17.62 -24.38
CA GLU D 16 -43.23 16.78 -25.53
C GLU D 16 -42.48 15.45 -25.47
N GLN D 17 -41.30 15.43 -24.85
CA GLN D 17 -40.63 14.16 -24.59
C GLN D 17 -41.45 13.31 -23.63
N LEU D 18 -41.97 13.92 -22.57
CA LEU D 18 -42.81 13.19 -21.62
C LEU D 18 -44.06 12.65 -22.31
N LYS D 19 -44.71 13.48 -23.12
CA LYS D 19 -45.92 13.07 -23.81
C LYS D 19 -45.64 11.93 -24.78
N MET D 20 -44.55 12.03 -25.52
CA MET D 20 -44.17 10.97 -26.46
C MET D 20 -43.86 9.66 -25.75
N GLU D 21 -43.53 9.70 -24.46
CA GLU D 21 -43.28 8.50 -23.69
C GLU D 21 -44.53 7.92 -23.04
N ALA D 22 -45.59 8.72 -22.90
CA ALA D 22 -46.80 8.22 -22.25
C ALA D 22 -47.56 7.25 -23.14
N ASN D 23 -47.71 7.58 -24.42
CA ASN D 23 -48.53 6.78 -25.33
C ASN D 23 -47.70 5.65 -25.92
N ILE D 24 -47.37 4.67 -25.07
CA ILE D 24 -46.71 3.46 -25.50
C ILE D 24 -47.38 2.27 -24.83
N ASP D 25 -47.17 1.10 -25.41
CA ASP D 25 -47.82 -0.12 -24.92
C ASP D 25 -47.34 -0.46 -23.52
N ARG D 26 -48.22 -1.10 -22.76
CA ARG D 26 -47.90 -1.59 -21.43
C ARG D 26 -48.13 -3.11 -21.41
N ILE D 27 -47.48 -3.78 -20.46
CA ILE D 27 -47.75 -5.18 -20.17
C ILE D 27 -47.80 -5.34 -18.66
N LYS D 28 -48.16 -6.54 -18.22
CA LYS D 28 -48.25 -6.81 -16.80
C LYS D 28 -46.92 -7.32 -16.26
N VAL D 29 -46.53 -6.78 -15.10
CA VAL D 29 -45.25 -7.15 -14.53
C VAL D 29 -45.21 -8.63 -14.21
N SER D 30 -46.35 -9.22 -13.89
CA SER D 30 -46.39 -10.66 -13.68
C SER D 30 -46.01 -11.40 -14.97
N LYS D 31 -46.51 -10.92 -16.11
CA LYS D 31 -46.13 -11.54 -17.38
C LYS D 31 -44.67 -11.32 -17.69
N ALA D 32 -44.15 -10.14 -17.38
CA ALA D 32 -42.72 -9.88 -17.59
C ALA D 32 -41.87 -10.80 -16.73
N ALA D 33 -42.25 -10.97 -15.47
CA ALA D 33 -41.51 -11.86 -14.58
C ALA D 33 -41.62 -13.30 -15.05
N ALA D 34 -42.78 -13.68 -15.56
CA ALA D 34 -42.92 -15.03 -16.11
C ALA D 34 -41.99 -15.24 -17.29
N ASP D 35 -41.87 -14.23 -18.17
CA ASP D 35 -40.96 -14.34 -19.29
C ASP D 35 -39.50 -14.41 -18.85
N LEU D 36 -39.13 -13.64 -17.83
CA LEU D 36 -37.79 -13.73 -17.27
C LEU D 36 -37.52 -15.13 -16.72
N MET D 37 -38.45 -15.64 -15.93
CA MET D 37 -38.29 -16.95 -15.34
C MET D 37 -38.04 -17.90 -16.46
N ALA D 38 -38.77 -17.71 -17.54
CA ALA D 38 -38.64 -18.62 -18.66
C ALA D 38 -37.25 -18.57 -19.27
N TYR D 39 -36.68 -17.39 -19.45
CA TYR D 39 -35.39 -17.32 -20.11
C TYR D 39 -34.43 -18.12 -19.30
N CYS D 40 -34.39 -17.85 -18.01
CA CYS D 40 -33.46 -18.53 -17.15
C CYS D 40 -33.60 -20.03 -17.27
N GLU D 41 -34.81 -20.53 -17.07
CA GLU D 41 -35.02 -21.96 -17.08
C GLU D 41 -34.60 -22.57 -18.40
N ALA D 42 -34.81 -21.86 -19.49
CA ALA D 42 -34.49 -22.42 -20.79
C ALA D 42 -33.01 -22.47 -21.10
N HIS D 43 -32.21 -21.60 -20.49
CA HIS D 43 -30.79 -21.57 -20.81
C HIS D 43 -29.96 -21.88 -19.59
N ALA D 44 -30.61 -22.34 -18.53
CA ALA D 44 -29.90 -22.67 -17.29
C ALA D 44 -28.98 -23.83 -17.57
N LYS D 45 -29.50 -24.82 -18.26
CA LYS D 45 -28.68 -25.96 -18.63
C LYS D 45 -27.36 -25.53 -19.25
N GLU D 46 -27.38 -24.52 -20.10
CA GLU D 46 -26.20 -24.09 -20.82
C GLU D 46 -25.32 -23.13 -20.04
N ASP D 47 -25.89 -22.41 -19.06
CA ASP D 47 -25.10 -21.44 -18.31
C ASP D 47 -24.04 -22.13 -17.48
N PRO D 48 -22.75 -21.81 -17.67
CA PRO D 48 -21.71 -22.55 -16.95
C PRO D 48 -21.61 -22.20 -15.48
N LEU D 49 -21.77 -20.93 -15.11
CA LEU D 49 -21.60 -20.58 -13.70
C LEU D 49 -22.73 -21.08 -12.82
N LEU D 50 -23.90 -21.40 -13.37
CA LEU D 50 -24.92 -22.10 -12.60
C LEU D 50 -24.54 -23.55 -12.37
N THR D 51 -24.33 -24.31 -13.44
CA THR D 51 -23.95 -25.71 -13.37
C THR D 51 -22.50 -25.83 -13.82
N PRO D 52 -21.55 -25.91 -12.89
CA PRO D 52 -20.14 -25.89 -13.29
C PRO D 52 -19.80 -27.03 -14.23
N VAL D 53 -19.07 -26.69 -15.29
CA VAL D 53 -18.69 -27.63 -16.34
C VAL D 53 -17.60 -28.55 -15.76
N PRO D 54 -17.52 -29.80 -16.18
CA PRO D 54 -16.40 -30.64 -15.75
C PRO D 54 -15.06 -30.10 -16.21
N ALA D 55 -14.04 -30.33 -15.40
CA ALA D 55 -12.71 -29.78 -15.71
C ALA D 55 -12.23 -30.20 -17.06
N SER D 56 -12.70 -31.34 -17.54
CA SER D 56 -12.25 -31.84 -18.84
C SER D 56 -12.46 -30.80 -19.91
N GLU D 57 -13.60 -30.13 -19.88
CA GLU D 57 -13.88 -29.14 -20.89
C GLU D 57 -13.37 -27.79 -20.47
N ASN D 58 -13.52 -27.49 -19.17
CA ASN D 58 -13.07 -26.23 -18.60
C ASN D 58 -11.74 -25.73 -19.18
N PRO D 59 -11.75 -24.64 -20.02
CA PRO D 59 -10.46 -24.28 -20.60
C PRO D 59 -9.60 -23.57 -19.59
N PHE D 60 -10.20 -23.19 -18.47
CA PHE D 60 -9.48 -22.49 -17.42
C PHE D 60 -9.27 -23.50 -16.33
N ARG D 61 -8.69 -24.64 -16.69
CA ARG D 61 -8.45 -25.69 -15.73
C ARG D 61 -7.66 -25.18 -14.54
N GLN E 3 -37.80 8.68 -8.93
CA GLN E 3 -37.38 10.06 -9.12
C GLN E 3 -37.38 10.80 -7.79
N VAL E 4 -36.39 11.66 -7.58
CA VAL E 4 -36.21 12.36 -6.32
C VAL E 4 -36.84 13.75 -6.42
N GLN E 5 -37.35 14.25 -5.31
CA GLN E 5 -38.01 15.54 -5.27
C GLN E 5 -37.51 16.32 -4.07
N LEU E 6 -37.57 17.65 -4.19
CA LEU E 6 -37.19 18.56 -3.11
C LEU E 6 -38.08 19.79 -3.20
N GLN E 7 -39.12 19.83 -2.39
CA GLN E 7 -40.09 20.92 -2.42
C GLN E 7 -39.83 21.84 -1.24
N GLU E 8 -39.70 23.14 -1.52
CA GLU E 8 -39.43 24.14 -0.52
C GLU E 8 -40.53 25.20 -0.55
N SER E 9 -40.71 25.87 0.59
CA SER E 9 -41.80 26.84 0.69
C SER E 9 -41.51 27.81 1.82
N GLY E 10 -42.02 29.03 1.67
CA GLY E 10 -41.91 30.01 2.72
C GLY E 10 -41.57 31.42 2.26
N GLY E 11 -41.18 31.55 0.99
CA GLY E 11 -40.73 32.85 0.50
C GLY E 11 -41.85 33.88 0.50
N GLY E 12 -41.48 35.14 0.64
CA GLY E 12 -42.45 36.21 0.62
C GLY E 12 -41.78 37.54 0.89
N LEU E 13 -42.59 38.60 0.81
CA LEU E 13 -42.11 39.95 1.05
C LEU E 13 -42.03 40.24 2.54
N VAL E 14 -40.85 40.68 2.99
CA VAL E 14 -40.62 40.95 4.40
C VAL E 14 -39.83 42.25 4.53
N GLN E 15 -40.20 43.07 5.51
CA GLN E 15 -39.42 44.26 5.82
C GLN E 15 -38.05 43.86 6.37
N PRO E 16 -37.05 44.71 6.23
CA PRO E 16 -35.72 44.39 6.78
C PRO E 16 -35.79 44.12 8.27
N GLY E 17 -35.01 43.13 8.71
CA GLY E 17 -35.05 42.69 10.08
C GLY E 17 -36.18 41.77 10.43
N GLY E 18 -36.98 41.35 9.44
CA GLY E 18 -38.11 40.47 9.68
C GLY E 18 -37.70 39.02 9.79
N SER E 19 -38.71 38.14 9.72
CA SER E 19 -38.48 36.72 9.90
C SER E 19 -39.26 35.92 8.88
N LEU E 20 -38.74 34.73 8.57
CA LEU E 20 -39.34 33.78 7.65
C LEU E 20 -38.92 32.38 8.08
N ARG E 21 -39.61 31.38 7.56
CA ARG E 21 -39.23 30.00 7.79
C ARG E 21 -39.31 29.24 6.48
N LEU E 22 -38.21 28.58 6.12
CA LEU E 22 -38.10 27.86 4.87
C LEU E 22 -38.12 26.37 5.15
N SER E 23 -39.21 25.71 4.76
CA SER E 23 -39.40 24.29 5.02
C SER E 23 -39.18 23.50 3.74
N CYS E 24 -38.35 22.48 3.84
CA CYS E 24 -37.90 21.69 2.69
C CYS E 24 -38.57 20.32 2.74
N ALA E 25 -39.45 20.05 1.80
CA ALA E 25 -40.19 18.80 1.74
C ALA E 25 -39.50 17.87 0.76
N ALA E 26 -39.05 16.72 1.23
CA ALA E 26 -38.29 15.79 0.42
C ALA E 26 -39.03 14.45 0.32
N SER E 27 -38.84 13.78 -0.80
CA SER E 27 -39.46 12.49 -1.03
C SER E 27 -38.70 11.78 -2.14
N GLY E 28 -38.70 10.45 -2.13
CA GLY E 28 -38.10 9.73 -3.26
C GLY E 28 -36.65 9.38 -3.15
N PHE E 29 -36.13 9.35 -1.93
CA PHE E 29 -34.75 8.99 -1.71
C PHE E 29 -34.55 8.86 -0.23
N THR E 30 -33.61 8.01 0.17
CA THR E 30 -33.33 7.88 1.59
C THR E 30 -33.12 9.26 2.18
N PHE E 31 -33.51 9.46 3.43
CA PHE E 31 -33.42 10.79 4.02
C PHE E 31 -32.26 10.92 4.99
N SER E 32 -32.35 10.23 6.13
CA SER E 32 -31.33 10.38 7.16
C SER E 32 -29.92 10.23 6.59
N ASN E 33 -29.74 9.37 5.60
CA ASN E 33 -28.40 8.96 5.20
C ASN E 33 -27.59 10.07 4.54
N TYR E 34 -28.22 11.18 4.29
CA TYR E 34 -27.52 12.18 3.58
C TYR E 34 -27.29 13.45 4.27
N LYS E 35 -26.27 14.16 3.81
CA LYS E 35 -26.12 15.56 4.17
C LYS E 35 -27.14 16.40 3.43
N MET E 36 -27.37 17.59 3.94
CA MET E 36 -28.29 18.51 3.30
C MET E 36 -27.72 19.91 3.41
N ASN E 37 -27.99 20.74 2.41
CA ASN E 37 -27.37 22.05 2.30
C ASN E 37 -28.40 23.09 1.89
N TRP E 38 -28.07 24.36 2.14
CA TRP E 38 -28.86 25.48 1.66
C TRP E 38 -28.00 26.32 0.72
N VAL E 39 -28.49 26.52 -0.49
CA VAL E 39 -27.79 27.34 -1.47
C VAL E 39 -28.78 28.36 -2.03
N ARG E 40 -28.34 29.62 -2.04
CA ARG E 40 -29.17 30.69 -2.53
C ARG E 40 -28.53 31.38 -3.69
N GLN E 41 -29.33 32.01 -4.52
CA GLN E 41 -28.83 32.65 -5.74
C GLN E 41 -29.35 34.09 -5.75
N ALA E 42 -28.51 35.01 -5.32
CA ALA E 42 -28.89 36.41 -5.36
C ALA E 42 -28.90 36.90 -6.80
N PRO E 43 -29.84 37.76 -7.17
CA PRO E 43 -29.92 38.19 -8.57
C PRO E 43 -28.67 38.94 -8.98
N GLY E 44 -28.28 38.75 -10.24
CA GLY E 44 -27.12 39.42 -10.78
C GLY E 44 -25.79 38.76 -10.53
N LYS E 45 -25.78 37.56 -9.96
CA LYS E 45 -24.52 36.85 -9.72
C LYS E 45 -24.81 35.37 -9.57
N GLY E 46 -23.77 34.61 -9.24
CA GLY E 46 -23.89 33.18 -9.12
C GLY E 46 -24.58 32.77 -7.83
N LEU E 47 -24.69 31.47 -7.64
CA LEU E 47 -25.37 30.90 -6.49
C LEU E 47 -24.34 30.41 -5.47
N GLU E 48 -24.67 30.57 -4.19
CA GLU E 48 -23.71 30.37 -3.12
C GLU E 48 -24.30 29.47 -2.05
N TRP E 49 -23.40 28.76 -1.37
CA TRP E 49 -23.75 27.86 -0.29
C TRP E 49 -24.00 28.63 1.00
N VAL E 50 -24.92 28.13 1.82
CA VAL E 50 -25.23 28.85 3.05
C VAL E 50 -25.00 27.98 4.28
N SER E 51 -25.74 26.90 4.43
CA SER E 51 -25.71 26.15 5.67
C SER E 51 -25.78 24.66 5.40
N ASP E 52 -25.28 23.87 6.35
CA ASP E 52 -25.22 22.43 6.19
C ASP E 52 -25.53 21.75 7.52
N ILE E 53 -25.96 20.51 7.44
CA ILE E 53 -26.29 19.73 8.62
C ILE E 53 -26.13 18.25 8.28
N SER E 54 -25.43 17.53 9.14
CA SER E 54 -24.99 16.17 8.80
C SER E 54 -26.15 15.19 8.93
N GLN E 55 -25.85 13.90 8.90
CA GLN E 55 -26.89 12.88 8.99
C GLN E 55 -27.70 13.01 10.27
N SER E 56 -27.06 12.83 11.43
CA SER E 56 -27.78 12.92 12.69
C SER E 56 -28.36 14.31 12.90
N GLY E 57 -27.60 15.34 12.54
CA GLY E 57 -28.03 16.70 12.80
C GLY E 57 -27.19 17.35 13.87
N ALA E 58 -25.90 17.03 13.91
CA ALA E 58 -25.01 17.51 14.96
C ALA E 58 -23.76 18.21 14.45
N SER E 59 -23.69 18.58 13.18
CA SER E 59 -22.50 19.26 12.69
C SER E 59 -22.87 20.50 11.89
N ILE E 60 -23.70 21.35 12.49
CA ILE E 60 -24.15 22.59 11.86
C ILE E 60 -22.95 23.44 11.46
N SER E 61 -23.05 24.15 10.35
CA SER E 61 -22.01 25.09 9.96
C SER E 61 -22.62 26.11 9.01
N TYR E 62 -22.14 27.34 9.08
CA TYR E 62 -22.78 28.47 8.43
C TYR E 62 -21.80 29.21 7.54
N THR E 63 -22.34 29.89 6.54
CA THR E 63 -21.60 30.95 5.87
C THR E 63 -21.50 32.13 6.82
N GLY E 64 -20.33 32.76 6.85
CA GLY E 64 -20.08 33.84 7.78
C GLY E 64 -21.10 34.95 7.71
N SER E 65 -21.63 35.19 6.52
CA SER E 65 -22.58 36.28 6.32
C SER E 65 -23.83 36.09 7.18
N VAL E 66 -24.34 34.85 7.23
CA VAL E 66 -25.59 34.59 7.93
C VAL E 66 -25.29 33.94 9.28
N LYS E 67 -24.04 33.96 9.70
CA LYS E 67 -23.69 33.33 10.95
C LYS E 67 -24.27 34.11 12.12
N GLY E 68 -24.78 33.37 13.11
CA GLY E 68 -25.45 34.00 14.23
C GLY E 68 -26.79 34.62 13.87
N ARG E 69 -27.30 34.35 12.67
CA ARG E 69 -28.62 34.86 12.30
C ARG E 69 -29.60 33.75 11.91
N PHE E 70 -29.16 32.78 11.13
CA PHE E 70 -30.10 31.77 10.68
C PHE E 70 -29.95 30.47 11.47
N THR E 71 -31.01 29.66 11.53
CA THR E 71 -31.01 28.40 12.25
C THR E 71 -31.55 27.31 11.33
N ILE E 72 -30.92 26.14 11.34
CA ILE E 72 -31.34 25.01 10.54
C ILE E 72 -31.77 23.89 11.47
N SER E 73 -32.64 23.03 10.95
CA SER E 73 -33.14 21.90 11.72
C SER E 73 -33.62 20.83 10.75
N ARG E 74 -33.36 19.58 11.10
CA ARG E 74 -33.75 18.44 10.29
C ARG E 74 -34.78 17.62 11.05
N ASP E 75 -35.90 17.31 10.40
CA ASP E 75 -36.91 16.39 10.92
C ASP E 75 -36.88 15.14 10.05
N ASN E 76 -36.11 14.15 10.48
CA ASN E 76 -36.00 12.92 9.71
C ASN E 76 -37.34 12.21 9.61
N ALA E 77 -38.09 12.17 10.72
CA ALA E 77 -39.39 11.53 10.70
C ALA E 77 -40.33 12.22 9.72
N LYS E 78 -40.29 13.55 9.69
CA LYS E 78 -41.14 14.30 8.78
C LYS E 78 -40.59 14.35 7.36
N ASN E 79 -39.37 13.86 7.15
CA ASN E 79 -38.69 13.99 5.85
C ASN E 79 -38.61 15.45 5.43
N THR E 80 -38.23 16.31 6.38
CA THR E 80 -38.20 17.73 6.12
C THR E 80 -36.91 18.34 6.66
N LEU E 81 -36.57 19.49 6.10
CA LEU E 81 -35.48 20.32 6.58
C LEU E 81 -35.97 21.76 6.67
N TYR E 82 -35.40 22.51 7.62
CA TYR E 82 -35.86 23.86 7.89
C TYR E 82 -34.69 24.83 7.96
N LEU E 83 -34.98 26.09 7.67
CA LEU E 83 -34.02 27.18 7.81
C LEU E 83 -34.75 28.37 8.42
N GLN E 84 -34.74 28.46 9.74
CA GLN E 84 -35.37 29.59 10.41
C GLN E 84 -34.58 30.86 10.10
N MET E 85 -35.29 31.94 9.83
CA MET E 85 -34.68 33.20 9.39
C MET E 85 -35.09 34.29 10.38
N ASN E 86 -34.09 34.93 11.00
CA ASN E 86 -34.32 35.78 12.16
C ASN E 86 -34.29 37.26 11.86
N SER E 87 -33.18 37.75 11.31
CA SER E 87 -33.04 39.18 11.06
C SER E 87 -32.66 39.39 9.63
N LEU E 88 -33.65 39.65 8.79
CA LEU E 88 -33.35 39.75 7.38
C LEU E 88 -32.61 41.01 6.98
N LYS E 89 -31.86 40.94 5.89
CA LYS E 89 -31.18 42.11 5.40
C LYS E 89 -31.65 42.20 3.97
N PRO E 90 -31.47 43.35 3.33
CA PRO E 90 -31.86 43.35 1.92
C PRO E 90 -30.80 42.78 1.00
N GLU E 91 -29.92 41.94 1.53
CA GLU E 91 -28.85 41.36 0.74
C GLU E 91 -29.05 39.86 0.69
N ASP E 92 -30.13 39.40 1.30
CA ASP E 92 -30.42 37.97 1.30
C ASP E 92 -31.58 37.74 0.36
N THR E 93 -31.99 38.77 -0.35
CA THR E 93 -33.07 38.64 -1.30
C THR E 93 -32.59 37.72 -2.38
N ALA E 94 -33.13 36.50 -2.44
CA ALA E 94 -32.61 35.54 -3.38
C ALA E 94 -33.43 34.29 -3.50
N VAL E 95 -33.34 33.61 -4.64
CA VAL E 95 -33.96 32.30 -4.72
C VAL E 95 -33.24 31.37 -3.75
N TYR E 96 -34.01 30.57 -3.04
CA TYR E 96 -33.42 29.58 -2.16
C TYR E 96 -33.52 28.22 -2.79
N TYR E 97 -32.66 27.29 -2.46
CA TYR E 97 -32.54 26.00 -3.13
C TYR E 97 -32.11 24.99 -2.07
N CYS E 98 -33.07 24.26 -1.52
CA CYS E 98 -32.73 23.15 -0.66
C CYS E 98 -31.88 22.15 -1.43
N ALA E 99 -30.74 21.77 -0.86
CA ALA E 99 -29.86 20.85 -1.56
C ALA E 99 -29.60 19.53 -0.86
N ARG E 100 -29.05 18.57 -1.60
CA ARG E 100 -28.76 17.28 -1.05
C ARG E 100 -27.41 16.84 -1.51
N CYS E 101 -26.77 15.99 -0.76
CA CYS E 101 -25.47 15.55 -1.20
C CYS E 101 -25.69 14.45 -2.19
N PRO E 102 -24.71 14.24 -3.05
CA PRO E 102 -24.90 13.22 -4.05
C PRO E 102 -24.79 11.82 -3.53
N ALA E 103 -24.25 11.60 -2.34
CA ALA E 103 -24.03 10.26 -1.86
C ALA E 103 -24.60 10.10 -0.47
N PRO E 104 -24.80 8.86 -0.04
CA PRO E 104 -25.19 8.72 1.36
C PRO E 104 -23.98 8.30 2.16
N PHE E 105 -24.08 8.37 3.49
CA PHE E 105 -23.03 7.95 4.41
C PHE E 105 -21.68 8.56 4.06
N THR E 106 -21.69 9.81 3.62
CA THR E 106 -20.46 10.43 3.17
C THR E 106 -20.45 11.87 3.68
N ARG E 107 -19.25 12.40 3.89
CA ARG E 107 -19.07 13.71 4.51
C ARG E 107 -18.46 14.73 3.54
N ASP E 108 -18.89 14.72 2.29
CA ASP E 108 -18.47 15.72 1.33
C ASP E 108 -19.59 15.96 0.35
N CYS E 109 -19.55 17.09 -0.34
CA CYS E 109 -20.62 17.40 -1.28
C CYS E 109 -20.20 18.41 -2.32
N PHE E 110 -20.31 18.06 -3.60
CA PHE E 110 -20.07 18.98 -4.72
C PHE E 110 -21.42 19.34 -5.33
N ASP E 111 -22.12 20.32 -4.73
CA ASP E 111 -23.53 20.55 -5.02
C ASP E 111 -23.86 21.99 -5.35
N VAL E 112 -22.87 22.85 -5.52
CA VAL E 112 -23.15 24.25 -5.77
C VAL E 112 -23.38 24.50 -7.26
N THR E 113 -23.19 23.49 -8.09
CA THR E 113 -22.96 23.70 -9.51
C THR E 113 -24.10 24.49 -10.15
N SER E 114 -23.76 25.20 -11.22
CA SER E 114 -24.61 26.26 -11.72
C SER E 114 -25.34 25.84 -12.98
N THR E 115 -25.22 24.57 -13.34
CA THR E 115 -25.82 24.12 -14.57
C THR E 115 -26.93 23.10 -14.38
N THR E 116 -26.65 21.95 -13.79
CA THR E 116 -27.66 20.92 -13.82
C THR E 116 -27.65 19.98 -12.61
N TYR E 117 -27.13 20.40 -11.45
CA TYR E 117 -27.16 19.50 -10.30
C TYR E 117 -28.58 18.99 -10.09
N ALA E 118 -28.75 17.68 -9.93
CA ALA E 118 -30.06 17.09 -10.04
C ALA E 118 -30.75 17.16 -8.68
N TYR E 119 -30.17 16.67 -7.62
CA TYR E 119 -30.90 16.64 -6.35
C TYR E 119 -30.98 17.97 -5.64
N ARG E 120 -31.64 18.90 -6.27
CA ARG E 120 -31.69 20.26 -5.75
C ARG E 120 -33.12 20.76 -5.88
N GLY E 121 -33.54 21.57 -4.91
CA GLY E 121 -34.90 22.05 -4.89
C GLY E 121 -35.21 22.91 -6.11
N GLN E 122 -36.51 23.12 -6.34
CA GLN E 122 -36.92 23.92 -7.48
C GLN E 122 -36.75 25.41 -7.21
N GLY E 123 -37.03 25.85 -5.99
CA GLY E 123 -36.74 27.22 -5.62
C GLY E 123 -37.90 28.03 -5.06
N THR E 124 -37.61 28.84 -4.04
CA THR E 124 -38.55 29.83 -3.52
C THR E 124 -37.85 31.19 -3.46
N GLN E 125 -38.60 32.24 -3.81
CA GLN E 125 -38.09 33.59 -3.80
C GLN E 125 -38.42 34.27 -2.49
N VAL E 126 -37.39 34.80 -1.82
CA VAL E 126 -37.60 35.59 -0.61
C VAL E 126 -37.17 37.00 -1.04
N THR E 127 -37.97 38.01 -0.75
CA THR E 127 -37.69 39.38 -1.14
C THR E 127 -37.85 40.28 0.07
N VAL E 128 -36.82 41.06 0.36
CA VAL E 128 -36.81 41.97 1.50
C VAL E 128 -36.69 43.38 0.97
N SER E 129 -37.65 44.22 1.32
CA SER E 129 -37.72 45.59 0.83
C SER E 129 -38.68 46.38 1.71
N SER E 130 -39.07 47.55 1.25
CA SER E 130 -40.01 48.40 1.97
C SER E 130 -41.22 48.73 1.11
N THR F 6 48.88 -20.87 26.35
CA THR F 6 48.18 -21.45 25.22
C THR F 6 48.88 -22.71 24.73
N VAL F 7 49.40 -23.50 25.66
CA VAL F 7 50.10 -24.72 25.29
C VAL F 7 49.09 -25.73 24.77
N SER F 8 49.38 -26.28 23.60
CA SER F 8 48.50 -27.26 23.02
C SER F 8 48.62 -28.59 23.72
N LEU F 9 47.56 -29.40 23.67
CA LEU F 9 47.56 -30.71 24.29
C LEU F 9 48.57 -31.48 23.48
N TRP F 10 48.40 -31.41 22.17
CA TRP F 10 49.29 -32.04 21.23
C TRP F 10 50.72 -31.67 21.50
N GLU F 11 51.00 -30.39 21.64
CA GLU F 11 52.35 -29.94 21.96
C GLU F 11 52.81 -30.61 23.25
N THR F 12 51.98 -30.58 24.27
CA THR F 12 52.35 -31.22 25.53
C THR F 12 52.58 -32.70 25.29
N VAL F 13 51.64 -33.34 24.62
CA VAL F 13 51.74 -34.77 24.34
C VAL F 13 53.03 -35.10 23.65
N GLN F 14 53.33 -34.41 22.56
CA GLN F 14 54.57 -34.63 21.82
C GLN F 14 55.75 -34.43 22.76
N LYS F 15 55.74 -33.33 23.49
CA LYS F 15 56.81 -33.02 24.44
C LYS F 15 57.02 -34.18 25.39
N TRP F 16 55.94 -34.71 25.97
CA TRP F 16 56.05 -35.84 26.88
C TRP F 16 56.64 -37.06 26.18
N ARG F 17 56.19 -37.31 24.97
CA ARG F 17 56.66 -38.49 24.26
C ARG F 17 58.17 -38.44 24.09
N GLU F 18 58.68 -37.26 23.74
CA GLU F 18 60.11 -37.10 23.57
C GLU F 18 60.82 -37.29 24.90
N TYR F 19 60.26 -36.73 25.96
CA TYR F 19 60.85 -36.88 27.28
C TYR F 19 60.92 -38.36 27.64
N ARG F 20 59.86 -39.10 27.32
CA ARG F 20 59.82 -40.52 27.63
C ARG F 20 60.85 -41.29 26.84
N ARG F 21 60.99 -40.95 25.56
CA ARG F 21 61.96 -41.61 24.71
C ARG F 21 63.36 -41.34 25.23
N GLN F 22 63.63 -40.10 25.61
CA GLN F 22 64.94 -39.75 26.13
C GLN F 22 65.20 -40.46 27.44
N CYS F 23 64.16 -40.63 28.24
CA CYS F 23 64.31 -41.32 29.51
C CYS F 23 64.59 -42.79 29.28
N GLN F 24 63.90 -43.40 28.34
CA GLN F 24 64.14 -44.81 28.04
C GLN F 24 65.59 -44.99 27.64
N ARG F 25 66.09 -44.10 26.79
CA ARG F 25 67.49 -44.17 26.35
C ARG F 25 68.43 -44.02 27.53
N SER F 26 68.15 -43.07 28.43
CA SER F 26 69.01 -42.87 29.59
C SER F 26 68.99 -44.07 30.52
N LEU F 27 67.80 -44.66 30.73
CA LEU F 27 67.69 -45.85 31.57
C LEU F 27 68.46 -47.02 30.97
N THR F 28 68.36 -47.20 29.66
CA THR F 28 69.14 -48.25 29.01
C THR F 28 70.64 -47.98 29.11
N GLU F 29 71.03 -46.70 29.08
CA GLU F 29 72.45 -46.36 29.19
C GLU F 29 72.98 -46.65 30.59
N ASP F 30 72.25 -46.26 31.62
CA ASP F 30 72.70 -46.38 33.01
C ASP F 30 71.62 -47.01 33.86
N PRO F 31 71.34 -48.30 33.67
CA PRO F 31 70.34 -48.99 34.49
C PRO F 31 70.95 -49.50 35.78
N PRO F 32 72.25 -49.81 35.78
CA PRO F 32 72.86 -50.48 36.93
C PRO F 32 72.98 -49.54 38.11
N PRO F 33 72.58 -49.97 39.31
CA PRO F 33 72.75 -49.12 40.50
C PRO F 33 74.22 -48.95 40.85
N ALA F 34 74.52 -47.79 41.43
CA ALA F 34 75.90 -47.50 41.83
C ALA F 34 76.29 -48.29 43.08
N THR F 35 75.39 -48.36 44.07
CA THR F 35 75.68 -49.04 45.32
C THR F 35 74.93 -50.35 45.48
N ASP F 36 73.97 -50.65 44.60
CA ASP F 36 73.18 -51.88 44.64
C ASP F 36 72.43 -52.04 45.96
N LEU F 37 72.00 -50.93 46.57
CA LEU F 37 71.27 -50.96 47.83
C LEU F 37 70.12 -49.96 47.85
N PHE F 38 69.71 -49.46 46.68
CA PHE F 38 68.63 -48.49 46.58
C PHE F 38 67.63 -48.95 45.53
N CYS F 39 66.62 -48.10 45.30
CA CYS F 39 65.58 -48.40 44.33
C CYS F 39 66.20 -48.57 42.96
N ASN F 40 65.69 -49.52 42.20
CA ASN F 40 66.18 -49.73 40.85
C ASN F 40 65.72 -48.61 39.93
N ARG F 41 66.42 -48.45 38.82
CA ARG F 41 66.11 -47.40 37.84
C ARG F 41 64.86 -47.80 37.08
N THR F 42 63.71 -47.33 37.56
CA THR F 42 62.42 -47.60 36.93
C THR F 42 61.76 -46.27 36.58
N PHE F 43 61.44 -46.09 35.30
CA PHE F 43 60.87 -44.83 34.81
C PHE F 43 59.35 -44.94 34.85
N ASP F 44 58.73 -44.15 35.73
CA ASP F 44 57.28 -44.10 35.80
C ASP F 44 56.74 -43.18 34.71
N GLU F 45 55.43 -43.22 34.51
CA GLU F 45 54.81 -42.36 33.51
C GLU F 45 54.92 -40.89 33.89
N TYR F 46 54.75 -40.56 35.17
CA TYR F 46 54.82 -39.18 35.60
C TYR F 46 56.24 -38.63 35.50
N ALA F 47 57.22 -39.42 35.93
CA ALA F 47 58.61 -38.98 35.94
C ALA F 47 59.52 -40.20 35.94
N CYS F 48 60.81 -39.95 35.69
CA CYS F 48 61.78 -41.04 35.62
C CYS F 48 62.17 -41.55 37.00
N TRP F 49 62.76 -40.69 37.83
CA TRP F 49 63.31 -41.07 39.12
C TRP F 49 64.27 -42.26 38.97
N PRO F 50 65.13 -42.26 37.95
CA PRO F 50 66.03 -43.40 37.76
C PRO F 50 67.00 -43.62 38.91
N ASP F 51 67.42 -42.55 39.59
CA ASP F 51 68.36 -42.65 40.69
C ASP F 51 67.62 -42.99 41.98
N GLY F 52 68.35 -43.62 42.91
CA GLY F 52 67.77 -43.99 44.18
C GLY F 52 68.69 -43.77 45.36
N GLU F 53 68.15 -43.16 46.41
CA GLU F 53 68.91 -42.98 47.65
C GLU F 53 68.60 -44.12 48.60
N PRO F 54 69.60 -44.87 49.06
CA PRO F 54 69.30 -45.99 49.96
C PRO F 54 68.85 -45.52 51.34
N GLY F 55 67.56 -45.65 51.62
CA GLY F 55 67.02 -45.20 52.89
C GLY F 55 67.09 -43.70 53.11
N SER F 56 67.10 -42.92 52.04
CA SER F 56 67.18 -41.47 52.15
C SER F 56 66.26 -40.84 51.11
N PHE F 57 66.29 -39.51 51.03
CA PHE F 57 65.48 -38.77 50.09
C PHE F 57 66.33 -38.38 48.88
N VAL F 58 65.91 -38.82 47.69
CA VAL F 58 66.65 -38.52 46.46
C VAL F 58 65.92 -37.57 45.53
N ASN F 59 66.27 -36.30 45.59
CA ASN F 59 65.60 -35.28 44.78
C ASN F 59 65.47 -35.60 43.28
N VAL F 60 64.25 -35.77 42.79
CA VAL F 60 64.02 -36.01 41.37
C VAL F 60 63.41 -34.75 40.78
N SER F 61 64.12 -34.04 39.92
CA SER F 61 63.67 -32.75 39.42
C SER F 61 62.35 -32.89 38.67
N CYS F 62 61.56 -31.80 38.62
CA CYS F 62 60.22 -31.79 37.96
C CYS F 62 60.43 -31.95 36.44
N PRO F 63 59.56 -32.73 35.77
CA PRO F 63 59.72 -33.01 34.33
C PRO F 63 60.05 -31.87 33.36
N TRP F 64 60.80 -32.17 32.31
CA TRP F 64 61.19 -31.16 31.34
C TRP F 64 60.08 -30.82 30.36
N TYR F 65 58.88 -31.34 30.58
CA TYR F 65 57.80 -31.06 29.64
C TYR F 65 56.41 -31.19 30.24
N LEU F 66 55.91 -30.10 30.78
CA LEU F 66 54.55 -30.10 31.34
C LEU F 66 54.06 -28.66 31.43
N PRO F 67 52.97 -28.35 30.71
CA PRO F 67 52.47 -26.98 30.71
C PRO F 67 52.24 -26.52 32.13
N TRP F 68 51.56 -27.33 32.92
CA TRP F 68 51.27 -26.97 34.31
C TRP F 68 52.45 -26.30 34.99
N ALA F 69 53.61 -26.95 35.02
CA ALA F 69 54.74 -26.40 35.75
C ALA F 69 55.83 -25.78 34.88
N SER F 70 55.52 -25.47 33.63
CA SER F 70 56.58 -24.95 32.76
C SER F 70 57.20 -23.69 33.35
N SER F 71 56.36 -22.78 33.87
CA SER F 71 56.86 -21.57 34.51
C SER F 71 57.22 -21.79 35.97
N VAL F 72 56.87 -22.93 36.55
CA VAL F 72 57.15 -23.22 37.95
C VAL F 72 58.65 -23.37 38.13
N PRO F 73 59.19 -23.18 39.34
CA PRO F 73 60.64 -23.31 39.52
C PRO F 73 61.12 -24.74 39.40
N GLN F 74 62.41 -24.95 39.62
CA GLN F 74 63.05 -26.25 39.43
C GLN F 74 63.08 -27.08 40.71
N GLY F 75 62.05 -26.97 41.54
CA GLY F 75 61.95 -27.83 42.70
C GLY F 75 61.91 -29.29 42.32
N HIS F 76 62.51 -30.13 43.15
CA HIS F 76 62.57 -31.55 42.84
C HIS F 76 61.56 -32.43 43.56
N VAL F 77 61.81 -33.72 43.63
CA VAL F 77 60.89 -34.65 44.30
C VAL F 77 61.71 -35.64 45.09
N TYR F 78 62.01 -35.30 46.35
CA TYR F 78 62.81 -36.16 47.22
C TYR F 78 62.26 -37.56 47.38
N ARG F 79 62.74 -38.49 46.55
CA ARG F 79 62.26 -39.86 46.61
C ARG F 79 62.76 -40.57 47.85
N PHE F 80 61.91 -40.71 48.87
CA PHE F 80 62.29 -41.42 50.09
C PHE F 80 62.33 -42.92 49.85
N CYS F 81 63.41 -43.40 49.26
CA CYS F 81 63.50 -44.82 48.92
C CYS F 81 63.93 -45.66 50.11
N THR F 82 63.98 -46.98 49.95
CA THR F 82 64.28 -47.87 51.06
C THR F 82 65.71 -48.38 50.93
N ALA F 83 66.37 -48.55 52.08
CA ALA F 83 67.73 -49.08 52.09
C ALA F 83 67.78 -50.52 51.63
N GLU F 84 66.65 -51.22 51.66
CA GLU F 84 66.59 -52.60 51.19
C GLU F 84 66.68 -52.71 49.67
N GLY F 85 66.67 -51.59 48.96
CA GLY F 85 66.73 -51.60 47.52
C GLY F 85 65.39 -51.63 46.82
N LEU F 86 64.29 -51.75 47.56
CA LEU F 86 62.96 -51.73 46.95
C LEU F 86 62.28 -50.39 47.19
N TRP F 87 61.20 -50.15 46.47
CA TRP F 87 60.47 -48.88 46.62
C TRP F 87 59.65 -48.94 47.90
N LEU F 88 59.54 -47.80 48.56
CA LEU F 88 58.83 -47.77 49.83
C LEU F 88 57.33 -47.78 49.63
N GLN F 89 56.58 -47.86 50.72
CA GLN F 89 55.13 -47.93 50.61
C GLN F 89 54.45 -47.02 51.61
N LYS F 90 53.60 -46.13 51.12
CA LYS F 90 52.88 -45.25 52.04
C LYS F 90 51.40 -45.60 52.01
N ASP F 91 50.85 -46.02 53.15
CA ASP F 91 49.43 -46.36 53.24
C ASP F 91 49.04 -47.37 52.18
N ASN F 92 49.86 -48.42 52.05
CA ASN F 92 49.63 -49.50 51.08
C ASN F 92 49.58 -48.97 49.66
N SER F 93 50.49 -48.06 49.34
CA SER F 93 50.63 -47.52 48.00
C SER F 93 52.03 -47.77 47.48
N SER F 94 52.15 -48.08 46.19
CA SER F 94 53.43 -48.43 45.60
C SER F 94 54.53 -47.39 45.77
N LEU F 95 54.13 -46.16 46.07
CA LEU F 95 55.12 -45.10 46.16
C LEU F 95 54.71 -44.00 47.10
N PRO F 96 55.62 -43.60 47.99
CA PRO F 96 55.31 -42.46 48.85
C PRO F 96 55.79 -41.21 48.16
N TRP F 97 56.92 -40.67 48.60
CA TRP F 97 57.49 -39.44 48.01
C TRP F 97 56.48 -38.50 47.35
N ARG F 98 55.57 -37.96 48.13
CA ARG F 98 54.53 -37.09 47.59
C ARG F 98 55.07 -35.72 47.22
N ASP F 99 56.39 -35.53 47.32
CA ASP F 99 56.99 -34.28 46.92
C ASP F 99 56.92 -34.36 45.43
N LEU F 100 56.35 -35.46 44.94
CA LEU F 100 56.17 -35.63 43.51
C LEU F 100 55.52 -34.41 42.94
N SER F 101 56.25 -33.69 42.11
CA SER F 101 55.71 -32.50 41.45
C SER F 101 55.02 -31.48 42.33
N GLU F 102 55.77 -30.71 43.11
CA GLU F 102 55.15 -29.61 43.84
C GLU F 102 55.26 -28.59 42.75
N CYS F 103 54.44 -28.73 41.72
CA CYS F 103 54.62 -27.87 40.57
C CYS F 103 53.33 -27.39 39.95
N GLU F 104 53.27 -26.10 39.66
CA GLU F 104 52.08 -25.53 39.03
C GLU F 104 52.37 -24.09 38.63
N GLU F 115 35.82 -21.69 34.48
CA GLU F 115 35.04 -20.49 34.79
C GLU F 115 33.59 -20.71 34.42
N GLU F 116 32.69 -20.33 35.32
CA GLU F 116 31.26 -20.46 35.08
C GLU F 116 30.66 -19.26 34.37
N GLN F 117 31.40 -18.16 34.25
CA GLN F 117 30.90 -17.02 33.49
C GLN F 117 30.67 -17.39 32.04
N LEU F 118 31.61 -18.14 31.45
CA LEU F 118 31.45 -18.56 30.07
C LEU F 118 30.24 -19.47 29.90
N LEU F 119 30.00 -20.34 30.87
CA LEU F 119 28.85 -21.21 30.81
C LEU F 119 27.60 -20.38 30.86
N PHE F 120 27.55 -19.40 31.76
CA PHE F 120 26.38 -18.56 31.91
C PHE F 120 26.08 -17.81 30.61
N LEU F 121 27.10 -17.22 30.00
CA LEU F 121 26.93 -16.55 28.72
C LEU F 121 26.43 -17.52 27.65
N TYR F 122 26.91 -18.75 27.69
CA TYR F 122 26.49 -19.74 26.71
C TYR F 122 25.02 -19.94 26.85
N ILE F 123 24.56 -20.20 28.05
CA ILE F 123 23.15 -20.50 28.21
C ILE F 123 22.35 -19.33 27.75
N ILE F 124 22.79 -18.13 28.10
CA ILE F 124 22.00 -16.97 27.76
C ILE F 124 21.87 -16.78 26.27
N TYR F 125 22.96 -16.84 25.51
CA TYR F 125 22.82 -16.60 24.08
C TYR F 125 22.31 -17.80 23.32
N THR F 126 22.45 -19.01 23.83
CA THR F 126 21.90 -20.16 23.14
C THR F 126 20.40 -20.06 23.20
N VAL F 127 19.88 -19.53 24.30
CA VAL F 127 18.44 -19.42 24.45
C VAL F 127 17.95 -18.37 23.50
N GLY F 128 18.67 -17.26 23.40
CA GLY F 128 18.28 -16.21 22.49
C GLY F 128 18.29 -16.65 21.05
N TYR F 129 19.35 -17.33 20.63
CA TYR F 129 19.41 -17.82 19.25
C TYR F 129 18.30 -18.81 18.95
N ALA F 130 17.91 -19.59 19.94
CA ALA F 130 16.81 -20.51 19.75
C ALA F 130 15.50 -19.79 19.57
N LEU F 131 15.15 -18.93 20.51
CA LEU F 131 13.88 -18.23 20.45
C LEU F 131 13.85 -17.30 19.27
N SER F 132 15.02 -16.95 18.77
CA SER F 132 15.07 -16.01 17.66
C SER F 132 14.98 -16.72 16.31
N PHE F 133 15.66 -17.84 16.17
CA PHE F 133 15.58 -18.64 14.96
C PHE F 133 14.17 -19.12 14.71
N SER F 134 13.49 -19.52 15.77
CA SER F 134 12.13 -19.98 15.62
C SER F 134 11.22 -18.86 15.12
N ALA F 135 11.32 -17.70 15.74
CA ALA F 135 10.48 -16.57 15.36
C ALA F 135 10.81 -16.07 13.96
N LEU F 136 12.08 -16.11 13.56
CA LEU F 136 12.43 -15.69 12.21
C LEU F 136 11.93 -16.66 11.16
N VAL F 137 11.95 -17.96 11.43
CA VAL F 137 11.36 -18.89 10.47
C VAL F 137 9.88 -18.58 10.31
N ILE F 138 9.18 -18.38 11.42
CA ILE F 138 7.77 -18.03 11.34
C ILE F 138 7.57 -16.75 10.56
N ALA F 139 8.40 -15.75 10.83
CA ALA F 139 8.26 -14.45 10.18
C ALA F 139 8.51 -14.53 8.69
N SER F 140 9.53 -15.28 8.28
CA SER F 140 9.79 -15.44 6.85
C SER F 140 8.64 -16.15 6.17
N ALA F 141 8.08 -17.18 6.81
CA ALA F 141 6.93 -17.85 6.23
C ALA F 141 5.78 -16.88 6.04
N ILE F 142 5.50 -16.08 7.08
CA ILE F 142 4.41 -15.11 6.98
C ILE F 142 4.68 -14.11 5.88
N LEU F 143 5.90 -13.62 5.81
CA LEU F 143 6.23 -12.51 4.93
C LEU F 143 6.30 -12.96 3.48
N LEU F 144 6.55 -14.24 3.24
CA LEU F 144 6.55 -14.79 1.88
C LEU F 144 5.19 -15.27 1.44
N GLY F 145 4.38 -15.79 2.34
CA GLY F 145 3.15 -16.46 1.93
C GLY F 145 2.11 -15.53 1.31
N PHE F 146 2.00 -14.32 1.84
CA PHE F 146 0.81 -13.53 1.57
C PHE F 146 0.76 -12.95 0.16
N ARG F 147 1.91 -12.65 -0.43
CA ARG F 147 2.01 -12.26 -1.83
C ARG F 147 1.46 -10.85 -2.05
N HIS F 148 0.82 -10.28 -1.04
CA HIS F 148 0.50 -8.86 -1.11
C HIS F 148 1.65 -8.02 -0.60
N LEU F 149 2.53 -8.62 0.20
CA LEU F 149 3.62 -7.92 0.84
C LEU F 149 4.90 -7.96 0.01
N HIS F 150 4.88 -8.53 -1.18
CA HIS F 150 6.08 -8.53 -2.00
C HIS F 150 6.40 -7.11 -2.43
N CYS F 151 7.54 -6.61 -2.01
CA CYS F 151 7.98 -5.29 -2.39
C CYS F 151 9.44 -5.32 -2.10
N THR F 152 10.18 -4.35 -2.61
CA THR F 152 11.61 -4.37 -2.42
C THR F 152 11.93 -4.26 -0.94
N ARG F 153 11.15 -3.52 -0.17
CA ARG F 153 11.41 -3.38 1.24
C ARG F 153 11.40 -4.71 1.89
N ASN F 154 10.36 -5.49 1.64
CA ASN F 154 10.24 -6.75 2.31
C ASN F 154 11.13 -7.81 1.72
N TYR F 155 11.75 -7.54 0.60
CA TYR F 155 12.69 -8.50 0.05
C TYR F 155 13.97 -8.32 0.77
N ILE F 156 14.36 -7.08 1.03
CA ILE F 156 15.56 -6.84 1.81
C ILE F 156 15.34 -7.41 3.21
N HIS F 157 14.14 -7.32 3.72
CA HIS F 157 13.83 -7.89 5.02
C HIS F 157 13.98 -9.40 4.99
N LEU F 158 13.50 -10.03 3.92
CA LEU F 158 13.62 -11.48 3.82
C LEU F 158 15.07 -11.92 3.81
N ASN F 159 15.92 -11.18 3.09
CA ASN F 159 17.33 -11.53 3.13
C ASN F 159 17.92 -11.27 4.51
N LEU F 160 17.45 -10.22 5.20
CA LEU F 160 17.92 -9.99 6.55
C LEU F 160 17.56 -11.15 7.47
N PHE F 161 16.32 -11.63 7.35
CA PHE F 161 15.89 -12.76 8.15
C PHE F 161 16.70 -14.00 7.84
N ALA F 162 16.98 -14.23 6.56
CA ALA F 162 17.79 -15.38 6.19
C ALA F 162 19.19 -15.27 6.77
N SER F 163 19.75 -14.07 6.79
CA SER F 163 21.07 -13.89 7.38
C SER F 163 21.05 -14.18 8.87
N PHE F 164 20.02 -13.72 9.56
CA PHE F 164 19.88 -14.02 10.99
C PHE F 164 19.76 -15.51 11.22
N ILE F 165 18.97 -16.19 10.39
CA ILE F 165 18.77 -17.62 10.55
C ILE F 165 20.08 -18.36 10.33
N LEU F 166 20.82 -17.98 9.30
CA LEU F 166 22.12 -18.58 9.07
C LEU F 166 23.03 -18.36 10.25
N ARG F 167 22.99 -17.18 10.85
CA ARG F 167 23.79 -16.93 12.04
C ARG F 167 23.43 -17.89 13.17
N ALA F 168 22.13 -18.11 13.38
CA ALA F 168 21.69 -18.98 14.46
C ALA F 168 22.15 -20.43 14.23
N LEU F 169 21.87 -20.98 13.04
CA LEU F 169 22.34 -22.33 12.75
C LEU F 169 23.84 -22.44 12.82
N SER F 170 24.54 -21.43 12.34
CA SER F 170 25.98 -21.45 12.38
C SER F 170 26.48 -21.53 13.81
N VAL F 171 25.86 -20.78 14.71
CA VAL F 171 26.29 -20.82 16.10
C VAL F 171 26.00 -22.18 16.73
N PHE F 172 24.81 -22.70 16.51
CA PHE F 172 24.50 -24.00 17.10
C PHE F 172 25.50 -25.00 16.63
N ILE F 173 25.69 -25.07 15.34
CA ILE F 173 26.65 -26.03 14.81
C ILE F 173 28.02 -25.76 15.36
N LYS F 174 28.42 -24.51 15.37
CA LYS F 174 29.75 -24.17 15.82
C LYS F 174 30.14 -24.66 17.18
N ASP F 175 29.24 -24.64 18.14
CA ASP F 175 29.63 -25.13 19.45
C ASP F 175 29.29 -26.59 19.62
N ALA F 176 28.69 -27.17 18.59
CA ALA F 176 28.31 -28.58 18.62
C ALA F 176 29.49 -29.45 18.21
N ALA F 177 30.44 -28.85 17.49
CA ALA F 177 31.63 -29.55 17.03
C ALA F 177 32.84 -29.20 17.90
N LEU F 178 32.70 -28.14 18.69
CA LEU F 178 33.76 -27.69 19.57
C LEU F 178 34.08 -28.76 20.62
N LYS F 179 33.03 -29.40 21.13
CA LYS F 179 33.18 -30.43 22.14
C LYS F 179 33.45 -31.77 21.50
N TRP F 180 33.18 -31.90 20.23
CA TRP F 180 33.40 -33.14 19.49
C TRP F 180 34.85 -33.59 19.59
N MET F 181 35.77 -32.64 19.38
CA MET F 181 37.20 -32.94 19.44
C MET F 181 37.83 -32.38 20.71
N TYR F 182 37.11 -32.48 21.82
CA TYR F 182 37.60 -31.96 23.09
C TYR F 182 36.98 -32.73 24.26
N SER F 183 35.68 -32.59 24.36
CA SER F 183 34.98 -33.15 25.51
C SER F 183 34.92 -34.63 25.44
N THR F 184 34.87 -35.18 24.24
CA THR F 184 34.74 -36.59 24.21
C THR F 184 36.06 -37.11 24.72
N ALA F 185 35.98 -38.02 25.67
CA ALA F 185 37.19 -38.57 26.22
C ALA F 185 37.81 -39.40 25.13
N ALA F 186 36.98 -39.85 24.18
CA ALA F 186 37.50 -40.59 23.06
C ALA F 186 38.55 -39.76 22.37
N GLN F 187 38.28 -38.48 22.17
CA GLN F 187 39.23 -37.64 21.48
C GLN F 187 40.48 -37.57 22.30
N GLN F 188 40.34 -37.35 23.59
CA GLN F 188 41.51 -37.18 24.40
C GLN F 188 42.34 -38.45 24.42
N HIS F 189 41.69 -39.60 24.49
CA HIS F 189 42.42 -40.84 24.47
C HIS F 189 43.11 -40.93 23.13
N GLN F 190 42.43 -40.50 22.06
CA GLN F 190 43.01 -40.64 20.72
C GLN F 190 44.04 -39.57 20.46
N TRP F 191 44.17 -38.63 21.38
CA TRP F 191 45.11 -37.55 21.19
C TRP F 191 46.32 -37.92 21.96
N ASP F 192 46.17 -38.84 22.90
CA ASP F 192 47.31 -39.34 23.62
C ASP F 192 47.74 -40.58 22.86
N GLY F 193 48.14 -40.40 21.61
CA GLY F 193 48.52 -41.52 20.78
C GLY F 193 48.50 -41.18 19.30
N LEU F 194 47.32 -41.08 18.71
CA LEU F 194 47.24 -40.84 17.25
C LEU F 194 46.62 -39.51 16.86
N LEU F 195 45.68 -39.54 15.91
CA LEU F 195 45.04 -38.32 15.44
C LEU F 195 43.58 -38.22 15.88
N SER F 196 42.93 -37.11 15.56
CA SER F 196 41.54 -36.88 15.98
C SER F 196 40.66 -36.13 14.99
N TYR F 197 39.73 -35.32 15.50
CA TYR F 197 38.84 -34.54 14.65
C TYR F 197 39.45 -33.17 14.52
N GLN F 198 40.50 -32.91 15.30
CA GLN F 198 41.15 -31.62 15.25
C GLN F 198 41.91 -31.43 13.95
N ASP F 199 42.27 -32.53 13.31
CA ASP F 199 43.05 -32.41 12.11
C ASP F 199 42.19 -32.47 10.86
N SER F 200 40.94 -32.89 11.00
CA SER F 200 40.06 -32.88 9.85
C SER F 200 39.82 -31.49 9.30
N LEU F 201 39.69 -31.39 7.98
CA LEU F 201 39.41 -30.10 7.37
C LEU F 201 37.95 -29.76 7.55
N SER F 202 37.11 -30.76 7.69
CA SER F 202 35.71 -30.50 7.93
C SER F 202 35.55 -29.60 9.13
N CYS F 203 36.26 -29.92 10.20
CA CYS F 203 36.17 -29.12 11.40
C CYS F 203 36.60 -27.69 11.15
N ARG F 204 37.74 -27.49 10.52
CA ARG F 204 38.21 -26.15 10.25
C ARG F 204 37.18 -25.33 9.51
N LEU F 205 36.43 -25.96 8.62
CA LEU F 205 35.49 -25.22 7.83
C LEU F 205 34.20 -24.94 8.55
N VAL F 206 33.95 -25.62 9.66
CA VAL F 206 32.77 -25.33 10.44
C VAL F 206 32.95 -23.94 11.01
N PHE F 207 34.16 -23.63 11.40
CA PHE F 207 34.41 -22.35 12.01
C PHE F 207 34.57 -21.24 10.98
N LEU F 208 34.91 -21.57 9.75
CA LEU F 208 34.97 -20.54 8.71
C LEU F 208 33.54 -20.22 8.35
N LEU F 209 32.71 -21.23 8.21
CA LEU F 209 31.29 -20.99 7.97
C LEU F 209 30.72 -20.07 9.04
N MET F 210 31.12 -20.27 10.29
CA MET F 210 30.61 -19.41 11.35
C MET F 210 31.03 -17.96 11.14
N GLN F 211 32.30 -17.75 10.78
CA GLN F 211 32.75 -16.39 10.51
C GLN F 211 32.01 -15.78 9.34
N TYR F 212 31.78 -16.55 8.29
CA TYR F 212 31.06 -15.99 7.14
C TYR F 212 29.63 -15.63 7.52
N CYS F 213 28.93 -16.53 8.20
CA CYS F 213 27.54 -16.29 8.51
C CYS F 213 27.37 -15.11 9.44
N VAL F 214 28.32 -14.89 10.35
CA VAL F 214 28.23 -13.70 11.19
C VAL F 214 28.50 -12.44 10.37
N ALA F 215 29.53 -12.47 9.53
CA ALA F 215 29.87 -11.29 8.74
C ALA F 215 28.75 -10.94 7.77
N ALA F 216 28.11 -11.95 7.19
CA ALA F 216 26.97 -11.69 6.32
C ALA F 216 25.76 -11.16 7.07
N ASN F 217 25.77 -11.19 8.39
CA ASN F 217 24.67 -10.62 9.14
C ASN F 217 24.86 -9.13 9.38
N TYR F 218 26.10 -8.71 9.62
CA TYR F 218 26.37 -7.29 9.77
C TYR F 218 26.20 -6.54 8.47
N TYR F 219 26.30 -7.23 7.33
CA TYR F 219 26.16 -6.57 6.05
C TYR F 219 24.75 -6.65 5.49
N TRP F 220 23.86 -7.39 6.12
CA TRP F 220 22.44 -7.27 5.82
C TRP F 220 21.75 -6.33 6.78
N LEU F 221 22.46 -5.85 7.79
CA LEU F 221 22.07 -4.67 8.54
C LEU F 221 22.53 -3.40 7.86
N LEU F 222 23.75 -3.41 7.32
CA LEU F 222 24.24 -2.28 6.55
C LEU F 222 23.38 -2.05 5.32
N VAL F 223 23.02 -3.13 4.63
CA VAL F 223 22.18 -2.98 3.45
C VAL F 223 20.82 -2.45 3.84
N GLU F 224 20.27 -2.93 4.95
CA GLU F 224 18.96 -2.49 5.38
C GLU F 224 18.99 -0.99 5.67
N GLY F 225 20.02 -0.54 6.37
CA GLY F 225 20.15 0.87 6.67
C GLY F 225 20.42 1.74 5.47
N VAL F 226 21.21 1.25 4.52
CA VAL F 226 21.50 2.03 3.33
C VAL F 226 20.27 2.14 2.46
N TYR F 227 19.47 1.08 2.38
CA TYR F 227 18.22 1.16 1.63
C TYR F 227 17.27 2.12 2.29
N LEU F 228 17.16 2.07 3.60
CA LEU F 228 16.30 3.03 4.27
C LEU F 228 16.77 4.46 4.01
N TYR F 229 18.09 4.67 4.03
CA TYR F 229 18.61 6.02 3.84
C TYR F 229 18.37 6.51 2.42
N THR F 230 18.50 5.62 1.44
CA THR F 230 18.38 6.06 0.05
C THR F 230 16.95 6.36 -0.35
N LEU F 231 15.95 5.90 0.40
CA LEU F 231 14.58 6.31 0.14
C LEU F 231 14.34 7.73 0.61
N LEU F 232 14.85 8.09 1.78
CA LEU F 232 14.61 9.41 2.33
C LEU F 232 15.44 10.50 1.67
N ALA F 233 16.60 10.15 1.12
CA ALA F 233 17.53 11.15 0.65
C ALA F 233 17.57 11.27 -0.87
N PHE F 234 17.73 10.17 -1.57
CA PHE F 234 17.98 10.21 -3.00
C PHE F 234 16.73 9.90 -3.81
N SER F 235 16.74 10.38 -5.05
CA SER F 235 15.70 10.01 -6.00
C SER F 235 15.77 8.52 -6.29
N VAL F 236 14.60 7.91 -6.53
CA VAL F 236 14.55 6.48 -6.75
C VAL F 236 15.20 6.15 -8.10
N LEU F 237 15.85 4.99 -8.15
CA LEU F 237 16.39 4.46 -9.39
C LEU F 237 15.74 3.10 -9.62
N SER F 238 16.13 2.43 -10.70
CA SER F 238 15.57 1.14 -11.08
C SER F 238 15.50 0.17 -9.92
N GLU F 239 14.29 -0.21 -9.53
CA GLU F 239 14.10 -1.14 -8.42
C GLU F 239 14.48 -2.56 -8.78
N GLN F 240 14.94 -2.75 -10.01
CA GLN F 240 15.34 -4.08 -10.48
C GLN F 240 16.87 -4.23 -10.43
N TRP F 241 17.57 -3.11 -10.52
CA TRP F 241 19.02 -3.11 -10.49
C TRP F 241 19.58 -2.83 -9.10
N ILE F 242 18.95 -1.92 -8.36
CA ILE F 242 19.35 -1.67 -6.98
C ILE F 242 19.22 -2.94 -6.16
N PHE F 243 18.19 -3.73 -6.41
CA PHE F 243 18.04 -4.97 -5.63
C PHE F 243 19.17 -5.93 -5.89
N ARG F 244 19.60 -6.06 -7.15
CA ARG F 244 20.72 -6.93 -7.45
C ARG F 244 22.00 -6.42 -6.79
N LEU F 245 22.21 -5.10 -6.82
CA LEU F 245 23.38 -4.56 -6.14
C LEU F 245 23.34 -4.86 -4.64
N TYR F 246 22.15 -4.73 -4.04
CA TYR F 246 22.02 -4.97 -2.61
C TYR F 246 22.24 -6.43 -2.27
N VAL F 247 21.73 -7.35 -3.08
CA VAL F 247 21.97 -8.76 -2.83
C VAL F 247 23.45 -9.07 -2.93
N SER F 248 24.11 -8.52 -3.95
CA SER F 248 25.55 -8.75 -4.07
C SER F 248 26.30 -8.19 -2.89
N ILE F 249 25.92 -7.01 -2.41
CA ILE F 249 26.60 -6.41 -1.27
C ILE F 249 26.40 -7.27 -0.02
N GLY F 250 25.15 -7.67 0.23
CA GLY F 250 24.85 -8.40 1.45
C GLY F 250 25.50 -9.77 1.50
N TRP F 251 25.46 -10.50 0.39
CA TRP F 251 25.93 -11.87 0.40
C TRP F 251 27.32 -12.06 -0.18
N GLY F 252 27.82 -11.10 -0.93
CA GLY F 252 29.07 -11.31 -1.63
C GLY F 252 30.24 -10.58 -1.02
N VAL F 253 30.02 -9.36 -0.53
CA VAL F 253 31.09 -8.60 0.11
C VAL F 253 31.69 -9.36 1.28
N PRO F 254 30.91 -10.04 2.14
CA PRO F 254 31.54 -10.81 3.22
C PRO F 254 32.60 -11.78 2.75
N LEU F 255 32.42 -12.41 1.59
CA LEU F 255 33.42 -13.33 1.08
C LEU F 255 34.77 -12.65 0.94
N LEU F 256 34.76 -11.40 0.49
CA LEU F 256 36.00 -10.70 0.17
C LEU F 256 36.92 -10.57 1.37
N PHE F 257 36.42 -10.72 2.59
CA PHE F 257 37.29 -10.68 3.73
C PHE F 257 37.16 -11.89 4.65
N VAL F 258 36.24 -12.80 4.39
CA VAL F 258 36.26 -14.05 5.16
C VAL F 258 37.00 -15.16 4.44
N VAL F 259 37.22 -15.04 3.14
CA VAL F 259 38.06 -16.01 2.43
C VAL F 259 39.53 -15.68 2.65
N PRO F 260 39.96 -14.41 2.57
CA PRO F 260 41.35 -14.12 2.96
C PRO F 260 41.68 -14.52 4.38
N TRP F 261 40.73 -14.39 5.31
CA TRP F 261 40.98 -14.84 6.67
C TRP F 261 41.19 -16.34 6.70
N GLY F 262 40.38 -17.09 5.96
CA GLY F 262 40.58 -18.53 5.88
C GLY F 262 41.93 -18.89 5.30
N ILE F 263 42.36 -18.17 4.27
CA ILE F 263 43.66 -18.42 3.67
C ILE F 263 44.76 -18.16 4.68
N VAL F 264 44.68 -17.05 5.40
CA VAL F 264 45.70 -16.70 6.37
C VAL F 264 45.76 -17.76 7.47
N LYS F 265 44.60 -18.20 7.95
CA LYS F 265 44.60 -19.23 8.99
C LYS F 265 45.18 -20.54 8.47
N TYR F 266 44.83 -20.92 7.24
CA TYR F 266 45.37 -22.17 6.70
C TYR F 266 46.89 -22.08 6.56
N LEU F 267 47.40 -20.90 6.22
CA LEU F 267 48.84 -20.78 6.00
C LEU F 267 49.62 -20.62 7.30
N TYR F 268 49.37 -19.54 8.02
CA TYR F 268 50.30 -19.11 9.06
C TYR F 268 49.85 -19.49 10.47
N GLU F 269 48.59 -19.87 10.67
CA GLU F 269 48.10 -20.17 12.01
C GLU F 269 47.05 -21.25 11.89
N ASP F 270 47.44 -22.52 11.94
CA ASP F 270 46.48 -23.62 11.73
C ASP F 270 46.20 -24.46 12.96
N GLU F 271 46.62 -24.03 14.14
CA GLU F 271 46.46 -24.83 15.34
C GLU F 271 45.00 -24.78 15.79
N GLY F 272 44.53 -25.85 16.40
CA GLY F 272 43.13 -25.91 16.77
C GLY F 272 42.36 -26.12 15.51
N CYS F 273 41.18 -25.56 15.44
CA CYS F 273 40.45 -25.65 14.20
C CYS F 273 40.08 -24.24 13.91
N TRP F 274 41.07 -23.36 13.95
CA TRP F 274 40.84 -21.93 13.71
C TRP F 274 39.86 -21.34 14.71
N THR F 275 39.88 -21.82 15.95
CA THR F 275 39.00 -21.26 16.98
C THR F 275 39.69 -20.21 17.82
N ARG F 276 40.98 -20.36 18.08
CA ARG F 276 41.70 -19.46 18.96
C ARG F 276 42.37 -18.37 18.14
N ASN F 277 42.09 -17.11 18.48
CA ASN F 277 42.73 -15.98 17.83
C ASN F 277 44.05 -15.71 18.55
N SER F 278 45.04 -16.56 18.28
CA SER F 278 46.33 -16.39 18.91
C SER F 278 47.01 -15.11 18.45
N ASN F 279 46.97 -14.85 17.14
CA ASN F 279 47.54 -13.63 16.59
C ASN F 279 46.41 -12.63 16.38
N MET F 280 46.37 -11.59 17.21
CA MET F 280 45.29 -10.61 17.12
C MET F 280 45.30 -9.90 15.78
N ASN F 281 46.47 -9.73 15.17
CA ASN F 281 46.54 -9.03 13.89
C ASN F 281 45.74 -9.77 12.82
N TYR F 282 45.88 -11.09 12.77
CA TYR F 282 45.14 -11.85 11.77
C TYR F 282 43.65 -11.79 12.00
N TRP F 283 43.26 -11.42 13.21
CA TRP F 283 41.87 -11.31 13.49
C TRP F 283 41.36 -9.94 13.19
N LEU F 284 42.23 -9.05 12.76
CA LEU F 284 41.79 -7.72 12.44
C LEU F 284 41.14 -7.80 11.09
N ILE F 285 41.62 -8.68 10.23
CA ILE F 285 41.08 -8.85 8.88
C ILE F 285 39.63 -9.25 8.72
N ILE F 286 38.98 -9.77 9.75
CA ILE F 286 37.59 -10.11 9.64
C ILE F 286 36.82 -9.45 10.75
N ARG F 287 37.34 -8.33 11.22
CA ARG F 287 36.73 -7.55 12.27
C ARG F 287 36.61 -6.12 11.80
N LEU F 288 37.74 -5.51 11.46
CA LEU F 288 37.72 -4.14 11.00
C LEU F 288 36.59 -3.89 10.01
N PRO F 289 36.37 -4.75 9.01
CA PRO F 289 35.22 -4.54 8.12
C PRO F 289 33.90 -4.50 8.85
N ILE F 290 33.77 -5.33 9.88
CA ILE F 290 32.52 -5.35 10.65
C ILE F 290 32.36 -4.06 11.44
N LEU F 291 33.45 -3.57 12.04
CA LEU F 291 33.37 -2.27 12.71
C LEU F 291 33.00 -1.17 11.72
N PHE F 292 33.55 -1.22 10.51
CA PHE F 292 33.21 -0.22 9.52
C PHE F 292 31.73 -0.28 9.18
N ALA F 293 31.19 -1.49 9.00
CA ALA F 293 29.78 -1.61 8.68
C ALA F 293 28.90 -1.05 9.80
N ILE F 294 29.22 -1.38 11.04
CA ILE F 294 28.36 -0.90 12.12
C ILE F 294 28.54 0.61 12.33
N GLY F 295 29.73 1.15 12.06
CA GLY F 295 29.88 2.60 12.16
C GLY F 295 29.06 3.35 11.12
N VAL F 296 29.11 2.86 9.88
CA VAL F 296 28.30 3.48 8.83
C VAL F 296 26.83 3.37 9.17
N ASN F 297 26.40 2.22 9.67
CA ASN F 297 25.00 2.06 10.02
C ASN F 297 24.62 2.97 11.18
N PHE F 298 25.54 3.24 12.09
CA PHE F 298 25.25 4.19 13.16
C PHE F 298 25.07 5.60 12.61
N LEU F 299 25.89 6.00 11.64
CA LEU F 299 25.69 7.31 11.02
C LEU F 299 24.31 7.39 10.39
N ILE F 300 23.92 6.33 9.67
CA ILE F 300 22.59 6.32 9.06
C ILE F 300 21.51 6.42 10.12
N PHE F 301 21.71 5.74 11.25
CA PHE F 301 20.75 5.80 12.34
C PHE F 301 20.58 7.23 12.85
N VAL F 302 21.70 7.92 13.05
CA VAL F 302 21.64 9.30 13.56
C VAL F 302 20.89 10.19 12.57
N ARG F 303 21.21 10.06 11.28
CA ARG F 303 20.59 10.96 10.32
C ARG F 303 19.10 10.65 10.13
N VAL F 304 18.72 9.37 10.21
CA VAL F 304 17.30 9.05 10.13
C VAL F 304 16.56 9.61 11.33
N ILE F 305 17.15 9.52 12.53
CA ILE F 305 16.48 10.07 13.69
C ILE F 305 16.36 11.59 13.60
N CYS F 306 17.38 12.26 13.07
CA CYS F 306 17.23 13.70 12.98
C CYS F 306 16.17 14.08 11.94
N ILE F 307 16.06 13.30 10.86
CA ILE F 307 14.95 13.54 9.93
C ILE F 307 13.62 13.37 10.63
N VAL F 308 13.49 12.32 11.44
CA VAL F 308 12.22 12.07 12.13
C VAL F 308 11.88 13.21 13.06
N VAL F 309 12.86 13.70 13.82
CA VAL F 309 12.55 14.79 14.74
C VAL F 309 12.24 16.05 13.97
N SER F 310 12.86 16.25 12.81
CA SER F 310 12.53 17.40 11.98
C SER F 310 11.08 17.35 11.54
N LYS F 311 10.62 16.18 11.12
CA LYS F 311 9.22 16.05 10.72
C LYS F 311 8.29 16.27 11.91
N LEU F 312 8.65 15.76 13.08
CA LEU F 312 7.79 15.92 14.25
C LEU F 312 7.71 17.38 14.70
N LYS F 313 8.82 18.12 14.64
CA LYS F 313 8.77 19.55 14.91
C LYS F 313 7.92 20.27 13.89
N ALA F 314 8.21 20.08 12.60
CA ALA F 314 7.54 20.83 11.56
C ALA F 314 6.07 20.43 11.40
N ASN F 315 5.64 19.37 12.07
CA ASN F 315 4.23 19.00 12.07
C ASN F 315 3.37 20.15 12.55
N LEU F 316 3.89 21.01 13.43
CA LEU F 316 3.23 22.20 13.94
C LEU F 316 2.12 21.84 14.92
N MET F 317 1.84 20.55 15.04
CA MET F 317 0.91 20.04 16.04
C MET F 317 1.62 19.49 17.25
N CYS F 318 2.94 19.69 17.34
CA CYS F 318 3.70 19.20 18.48
C CYS F 318 3.23 19.86 19.77
N LYS F 319 3.06 19.05 20.80
CA LYS F 319 2.65 19.51 22.11
C LYS F 319 3.61 18.98 23.18
N THR F 320 4.91 19.15 22.90
CA THR F 320 6.05 18.77 23.77
C THR F 320 5.92 17.33 24.30
N ASP F 321 5.07 16.53 23.67
CA ASP F 321 5.07 15.10 23.88
C ASP F 321 5.80 14.36 22.78
N ILE F 322 6.49 15.09 21.90
CA ILE F 322 7.22 14.46 20.82
C ILE F 322 8.29 13.54 21.35
N LYS F 323 8.69 13.70 22.62
CA LYS F 323 9.71 12.81 23.15
C LYS F 323 9.18 11.39 23.28
N CYS F 324 7.89 11.22 23.59
CA CYS F 324 7.33 9.87 23.65
C CYS F 324 7.37 9.20 22.27
N ARG F 325 6.88 9.90 21.25
CA ARG F 325 6.89 9.32 19.91
C ARG F 325 8.31 9.10 19.41
N LEU F 326 9.22 10.04 19.68
CA LEU F 326 10.59 9.88 19.24
C LEU F 326 11.27 8.72 19.96
N ALA F 327 10.97 8.52 21.25
CA ALA F 327 11.49 7.36 21.96
C ALA F 327 10.99 6.09 21.32
N LYS F 328 9.70 6.04 20.98
CA LYS F 328 9.18 4.85 20.32
C LYS F 328 9.88 4.60 18.99
N SER F 329 10.11 5.66 18.22
CA SER F 329 10.78 5.50 16.94
C SER F 329 12.22 5.02 17.10
N THR F 330 12.94 5.61 18.06
CA THR F 330 14.32 5.18 18.29
C THR F 330 14.38 3.73 18.71
N LEU F 331 13.48 3.32 19.61
CA LEU F 331 13.51 1.94 20.09
C LEU F 331 13.07 0.96 19.02
N THR F 332 12.18 1.38 18.11
CA THR F 332 11.79 0.48 17.04
C THR F 332 12.77 0.49 15.88
N LEU F 333 13.70 1.46 15.85
CA LEU F 333 14.75 1.46 14.84
C LEU F 333 16.05 0.83 15.31
N ILE F 334 16.27 0.75 16.62
CA ILE F 334 17.52 0.17 17.13
C ILE F 334 17.75 -1.25 16.64
N PRO F 335 16.81 -2.19 16.79
CA PRO F 335 17.09 -3.55 16.34
C PRO F 335 17.31 -3.67 14.85
N LEU F 336 16.64 -2.86 14.04
CA LEU F 336 16.72 -3.03 12.59
C LEU F 336 18.12 -2.69 12.09
N LEU F 337 18.74 -1.66 12.64
CA LEU F 337 20.07 -1.28 12.21
C LEU F 337 21.16 -1.86 13.10
N GLY F 338 20.79 -2.53 14.17
CA GLY F 338 21.78 -3.13 15.05
C GLY F 338 22.69 -2.09 15.67
N THR F 339 22.12 -1.00 16.15
CA THR F 339 22.91 0.08 16.72
C THR F 339 23.30 -0.16 18.17
N HIS F 340 22.69 -1.15 18.83
CA HIS F 340 23.13 -1.49 20.18
C HIS F 340 24.56 -1.97 20.19
N GLU F 341 25.08 -2.37 19.03
CA GLU F 341 26.39 -2.96 18.92
C GLU F 341 27.51 -1.93 19.01
N VAL F 342 27.17 -0.64 18.93
CA VAL F 342 28.20 0.39 18.85
C VAL F 342 28.67 0.87 20.22
N ILE F 343 27.91 0.61 21.29
CA ILE F 343 28.29 1.13 22.59
C ILE F 343 29.55 0.49 23.12
N PHE F 344 29.92 -0.69 22.62
CA PHE F 344 31.13 -1.38 23.08
C PHE F 344 32.01 -1.79 21.91
N ALA F 345 31.66 -1.36 20.69
CA ALA F 345 32.38 -1.81 19.51
C ALA F 345 33.83 -1.34 19.50
N PHE F 346 34.14 -0.23 20.16
CA PHE F 346 35.49 0.30 20.13
C PHE F 346 36.33 -0.18 21.30
N VAL F 347 35.77 -0.98 22.19
CA VAL F 347 36.53 -1.65 23.25
C VAL F 347 36.97 -2.98 22.65
N MET F 348 38.12 -2.97 21.98
CA MET F 348 38.58 -4.18 21.31
C MET F 348 39.19 -5.16 22.30
N ASP F 349 39.77 -6.25 21.79
CA ASP F 349 40.37 -7.27 22.64
C ASP F 349 41.80 -6.94 23.05
N GLU F 350 42.24 -5.71 22.83
CA GLU F 350 43.39 -5.19 23.54
C GLU F 350 43.01 -4.69 24.92
N HIS F 351 41.74 -4.79 25.25
CA HIS F 351 41.28 -4.40 26.56
C HIS F 351 40.98 -5.69 27.27
N ALA F 352 42.04 -6.46 27.54
CA ALA F 352 41.89 -7.73 28.24
C ALA F 352 41.69 -7.44 29.70
N ARG F 353 40.47 -7.08 30.06
CA ARG F 353 40.18 -6.75 31.43
C ARG F 353 39.51 -7.91 32.08
N GLY F 354 38.68 -7.62 33.06
CA GLY F 354 37.98 -8.67 33.74
C GLY F 354 36.53 -8.32 33.69
N THR F 355 36.14 -7.34 34.47
CA THR F 355 34.75 -6.97 34.51
C THR F 355 34.36 -6.35 33.19
N LEU F 356 35.22 -5.50 32.66
CA LEU F 356 34.93 -4.89 31.37
C LEU F 356 34.75 -5.96 30.32
N ARG F 357 35.63 -6.94 30.29
CA ARG F 357 35.55 -7.98 29.28
C ARG F 357 34.24 -8.70 29.44
N PHE F 358 33.92 -9.05 30.68
CA PHE F 358 32.69 -9.80 30.88
C PHE F 358 31.54 -8.97 30.38
N ILE F 359 31.50 -7.69 30.72
CA ILE F 359 30.38 -6.86 30.33
C ILE F 359 30.32 -6.78 28.82
N LYS F 360 31.44 -6.46 28.18
CA LYS F 360 31.50 -6.40 26.72
C LYS F 360 30.90 -7.65 26.10
N LEU F 361 31.33 -8.81 26.58
CA LEU F 361 30.80 -10.04 26.04
C LEU F 361 29.35 -10.17 26.41
N PHE F 362 28.99 -9.93 27.66
CA PHE F 362 27.61 -10.15 28.08
C PHE F 362 26.66 -9.33 27.25
N THR F 363 26.90 -8.02 27.15
CA THR F 363 25.96 -7.19 26.41
C THR F 363 25.93 -7.56 24.94
N GLU F 364 27.10 -7.78 24.33
CA GLU F 364 27.12 -8.07 22.89
C GLU F 364 26.42 -9.38 22.59
N LEU F 365 26.79 -10.44 23.31
CA LEU F 365 26.19 -11.74 23.07
C LEU F 365 24.70 -11.74 23.37
N SER F 366 24.30 -11.14 24.48
CA SER F 366 22.90 -11.19 24.88
C SER F 366 22.03 -10.40 23.92
N PHE F 367 22.40 -9.15 23.62
CA PHE F 367 21.56 -8.35 22.75
C PHE F 367 21.57 -8.88 21.32
N THR F 368 22.73 -9.31 20.83
CA THR F 368 22.80 -9.82 19.47
C THR F 368 21.98 -11.08 19.31
N SER F 369 21.96 -11.93 20.33
CA SER F 369 21.19 -13.17 20.26
C SER F 369 19.70 -12.89 20.11
N PHE F 370 19.17 -11.95 20.89
CA PHE F 370 17.76 -11.62 20.84
C PHE F 370 17.43 -10.59 19.77
N GLN F 371 18.42 -10.10 19.05
CA GLN F 371 18.16 -9.11 18.02
C GLN F 371 17.27 -9.68 16.94
N GLY F 372 17.48 -10.95 16.59
CA GLY F 372 16.60 -11.58 15.63
C GLY F 372 15.16 -11.61 16.09
N LEU F 373 14.95 -11.93 17.36
CA LEU F 373 13.61 -11.93 17.91
C LEU F 373 12.97 -10.55 17.83
N MET F 374 13.72 -9.52 18.23
CA MET F 374 13.18 -8.16 18.19
C MET F 374 12.85 -7.73 16.77
N VAL F 375 13.73 -8.03 15.83
CA VAL F 375 13.46 -7.68 14.44
C VAL F 375 12.23 -8.42 13.93
N ALA F 376 12.15 -9.72 14.23
CA ALA F 376 11.00 -10.50 13.78
C ALA F 376 9.71 -9.90 14.31
N ILE F 377 9.65 -9.61 15.60
CA ILE F 377 8.44 -9.02 16.18
C ILE F 377 8.14 -7.69 15.49
N LEU F 378 9.08 -6.76 15.56
CA LEU F 378 8.80 -5.39 15.17
C LEU F 378 8.48 -5.26 13.68
N TYR F 379 8.98 -6.17 12.85
CA TYR F 379 8.83 -6.02 11.41
C TYR F 379 8.05 -7.15 10.75
N CYS F 380 7.48 -8.07 11.53
CA CYS F 380 6.57 -9.03 10.93
C CYS F 380 5.35 -9.35 11.78
N PHE F 381 5.31 -9.01 13.07
CA PHE F 381 4.17 -9.41 13.90
C PHE F 381 3.31 -8.24 14.34
N VAL F 382 3.88 -7.06 14.57
CA VAL F 382 3.10 -5.90 14.94
C VAL F 382 3.05 -4.89 13.81
N ASN F 383 3.56 -5.24 12.64
CA ASN F 383 3.44 -4.37 11.48
C ASN F 383 1.98 -4.25 11.08
N ASN F 384 1.54 -3.04 10.78
CA ASN F 384 0.14 -2.84 10.44
C ASN F 384 -0.23 -3.56 9.15
N GLU F 385 0.69 -3.55 8.20
CA GLU F 385 0.42 -4.17 6.92
C GLU F 385 0.22 -5.63 7.11
N VAL F 386 1.04 -6.25 7.96
CA VAL F 386 0.90 -7.68 8.08
C VAL F 386 -0.22 -8.02 9.02
N GLN F 387 -0.71 -7.04 9.77
CA GLN F 387 -1.83 -7.31 10.62
C GLN F 387 -3.10 -7.19 9.81
N LEU F 388 -3.05 -6.43 8.72
CA LEU F 388 -4.19 -6.30 7.86
C LEU F 388 -4.25 -7.44 6.87
N GLU F 389 -3.13 -8.15 6.72
CA GLU F 389 -3.08 -9.28 5.85
C GLU F 389 -3.84 -10.38 6.52
N PHE F 390 -3.71 -10.47 7.83
CA PHE F 390 -4.41 -11.48 8.56
C PHE F 390 -5.88 -11.11 8.71
N ARG F 391 -6.17 -9.90 9.17
CA ARG F 391 -7.59 -9.59 9.33
C ARG F 391 -8.37 -9.89 8.05
N LYS F 392 -7.82 -9.47 6.91
CA LYS F 392 -8.46 -9.73 5.63
C LYS F 392 -8.53 -11.22 5.36
N SER F 393 -7.44 -11.95 5.59
CA SER F 393 -7.45 -13.38 5.32
C SER F 393 -8.44 -14.09 6.22
N TRP F 394 -8.68 -13.57 7.41
CA TRP F 394 -9.66 -14.17 8.31
C TRP F 394 -11.09 -13.85 7.87
N GLU F 395 -11.32 -12.63 7.38
CA GLU F 395 -12.65 -12.31 6.89
C GLU F 395 -13.00 -13.12 5.65
N ARG F 396 -12.02 -13.36 4.79
CA ARG F 396 -12.27 -14.10 3.56
C ARG F 396 -12.26 -15.58 3.81
N TRP F 397 -12.25 -16.00 5.07
CA TRP F 397 -12.14 -17.41 5.36
C TRP F 397 -13.44 -18.19 5.15
N ARG F 398 -14.60 -17.56 5.28
CA ARG F 398 -15.85 -18.26 5.01
C ARG F 398 -16.21 -18.21 3.53
#